data_3GKE
#
_entry.id   3GKE
#
_cell.length_a   81.026
_cell.length_b   81.026
_cell.length_c   158.154
_cell.angle_alpha   90.00
_cell.angle_beta   90.00
_cell.angle_gamma   120.00
#
_symmetry.space_group_name_H-M   'P 32'
#
loop_
_entity.id
_entity.type
_entity.pdbx_description
1 polymer DdmC
2 non-polymer 'FE2/S2 (INORGANIC) CLUSTER'
3 non-polymer 'FE (III) ION'
4 non-polymer 1,2-ETHANEDIOL
5 non-polymer 'ACETATE ION'
6 non-polymer 'OXYGEN MOLECULE'
7 water water
#
_entity_poly.entity_id   1
_entity_poly.type   'polypeptide(L)'
_entity_poly.pdbx_seq_one_letter_code
;MATFVRNAWYVAALPEELSEKPLGRTILDTPLALYRQPDGVVAALLDICPHRFAPLSDGILVNGHLQCPYHGLEFDGGGQ
CVHNPHGNGARPASLNVRSFPVVERDALIWIWPGDPALADPGAIPDFGCRVDPAYRTVGGYGHVDCNYKLLVDNLMDLGH
AQYVHRANAQTDAFDRLEREVIVGDGEIQALMKIPGGTPSVLMAKFLRGANTPVDAWNDIRWNKVSAMLNFIAVAPEGTP
KEQSIHSRGTHILTPETEASCHYFFGSSRNFGIDDPEMDGVLRSWQAQALVKEDKVVVEAIERRRAYVEANGIRPAMLSC
DEAAVRVSREIEKLEQLEAARLEHHHHHH
;
_entity_poly.pdbx_strand_id   A,B,C
#
# COMPACT_ATOMS: atom_id res chain seq x y z
N ALA A 2 -15.99 2.37 9.63
CA ALA A 2 -15.56 3.54 10.45
C ALA A 2 -16.77 4.18 11.10
N THR A 3 -16.64 4.51 12.39
CA THR A 3 -17.61 5.37 13.08
C THR A 3 -17.14 6.84 13.11
N PHE A 4 -17.93 7.71 12.48
CA PHE A 4 -17.68 9.16 12.53
C PHE A 4 -18.98 9.82 13.03
N VAL A 5 -18.84 10.98 13.65
CA VAL A 5 -19.95 11.83 14.00
C VAL A 5 -20.34 12.72 12.82
N ARG A 6 -21.37 12.34 12.07
CA ARG A 6 -21.63 13.01 10.80
C ARG A 6 -22.46 14.30 10.97
N ASN A 7 -23.29 14.36 12.00
CA ASN A 7 -24.13 15.53 12.27
C ASN A 7 -23.35 16.54 13.08
N ALA A 8 -22.40 17.16 12.41
CA ALA A 8 -21.53 18.17 12.99
C ALA A 8 -20.81 18.86 11.84
N TRP A 9 -20.25 20.03 12.10
CA TRP A 9 -19.53 20.76 11.08
C TRP A 9 -18.08 20.39 11.13
N TYR A 10 -17.50 20.19 9.96
CA TYR A 10 -16.07 19.94 9.84
C TYR A 10 -15.47 20.89 8.86
N VAL A 11 -14.23 21.30 9.12
CA VAL A 11 -13.50 22.03 8.11
C VAL A 11 -13.05 21.07 7.02
N ALA A 12 -13.43 21.38 5.80
CA ALA A 12 -13.11 20.57 4.63
C ALA A 12 -11.94 21.15 3.83
N ALA A 13 -11.69 22.45 3.97
CA ALA A 13 -10.67 23.14 3.18
C ALA A 13 -10.37 24.48 3.77
N LEU A 14 -9.21 25.04 3.42
CA LEU A 14 -8.98 26.45 3.60
C LEU A 14 -9.44 27.16 2.35
N PRO A 15 -9.99 28.36 2.51
CA PRO A 15 -10.55 29.03 1.34
C PRO A 15 -9.53 29.17 0.21
N GLU A 16 -8.27 29.42 0.57
CA GLU A 16 -7.22 29.59 -0.43
C GLU A 16 -6.92 28.31 -1.19
N GLU A 17 -7.46 27.19 -0.75
CA GLU A 17 -7.28 25.94 -1.48
C GLU A 17 -8.21 25.78 -2.66
N LEU A 18 -9.24 26.61 -2.70
CA LEU A 18 -10.35 26.37 -3.58
C LEU A 18 -10.31 27.38 -4.73
N SER A 19 -10.91 27.00 -5.84
CA SER A 19 -10.98 27.85 -7.03
C SER A 19 -12.08 27.32 -7.94
N GLU A 20 -12.09 27.80 -9.18
CA GLU A 20 -13.03 27.24 -10.14
C GLU A 20 -12.62 25.86 -10.60
N LYS A 21 -11.38 25.49 -10.32
CA LYS A 21 -10.93 24.11 -10.56
C LYS A 21 -11.25 23.28 -9.32
N PRO A 22 -12.11 22.27 -9.46
CA PRO A 22 -12.47 21.54 -8.25
C PRO A 22 -11.32 20.84 -7.58
N LEU A 23 -11.45 20.75 -6.26
CA LEU A 23 -10.58 19.98 -5.38
C LEU A 23 -11.36 18.75 -4.92
N GLY A 24 -10.80 17.58 -5.18
CA GLY A 24 -11.36 16.33 -4.65
C GLY A 24 -10.71 16.01 -3.31
N ARG A 25 -11.52 15.94 -2.26
CA ARG A 25 -11.02 15.61 -0.91
C ARG A 25 -12.09 14.77 -0.22
N THR A 26 -11.65 13.78 0.53
CA THR A 26 -12.54 12.88 1.27
C THR A 26 -12.60 13.29 2.73
N ILE A 27 -13.80 13.47 3.25
CA ILE A 27 -13.97 13.70 4.69
C ILE A 27 -14.95 12.66 5.23
N LEU A 28 -14.65 12.08 6.39
CA LEU A 28 -15.52 11.07 6.95
C LEU A 28 -15.89 10.01 5.88
N ASP A 29 -14.86 9.53 5.18
CA ASP A 29 -15.01 8.50 4.16
C ASP A 29 -15.95 8.87 3.03
N THR A 30 -16.14 10.17 2.82
CA THR A 30 -17.08 10.69 1.83
C THR A 30 -16.31 11.53 0.85
N PRO A 31 -16.25 11.10 -0.41
CA PRO A 31 -15.52 11.91 -1.35
C PRO A 31 -16.28 13.14 -1.82
N LEU A 32 -15.65 14.31 -1.70
CA LEU A 32 -16.26 15.58 -2.05
C LEU A 32 -15.55 16.26 -3.22
N ALA A 33 -16.35 16.97 -4.02
CA ALA A 33 -15.83 17.91 -4.99
C ALA A 33 -16.13 19.31 -4.48
N LEU A 34 -15.07 20.07 -4.24
CA LEU A 34 -15.17 21.37 -3.58
C LEU A 34 -14.71 22.41 -4.59
N TYR A 35 -15.54 23.43 -4.84
CA TYR A 35 -15.14 24.45 -5.78
C TYR A 35 -15.80 25.77 -5.44
N ARG A 36 -15.21 26.86 -5.92
CA ARG A 36 -15.85 28.17 -5.81
C ARG A 36 -16.46 28.50 -7.15
N GLN A 37 -17.78 28.70 -7.14
CA GLN A 37 -18.51 29.14 -8.31
C GLN A 37 -18.07 30.51 -8.80
N PRO A 38 -18.40 30.84 -10.06
CA PRO A 38 -18.14 32.16 -10.61
C PRO A 38 -18.65 33.29 -9.74
N ASP A 39 -19.77 33.09 -9.06
CA ASP A 39 -20.28 34.14 -8.18
C ASP A 39 -19.65 34.16 -6.79
N GLY A 40 -18.63 33.33 -6.57
CA GLY A 40 -17.82 33.36 -5.37
C GLY A 40 -18.28 32.38 -4.29
N VAL A 41 -19.44 31.77 -4.49
CA VAL A 41 -19.98 30.87 -3.48
C VAL A 41 -19.39 29.47 -3.60
N VAL A 42 -18.90 28.94 -2.49
CA VAL A 42 -18.33 27.59 -2.48
C VAL A 42 -19.44 26.55 -2.49
N ALA A 43 -19.28 25.55 -3.35
CA ALA A 43 -20.14 24.39 -3.38
C ALA A 43 -19.36 23.12 -3.00
N ALA A 44 -20.08 22.15 -2.44
CA ALA A 44 -19.51 20.85 -2.10
C ALA A 44 -20.49 19.76 -2.52
N LEU A 45 -20.10 19.00 -3.54
CA LEU A 45 -20.94 17.94 -4.10
C LEU A 45 -20.30 16.60 -3.80
N LEU A 46 -21.11 15.58 -3.58
CA LEU A 46 -20.61 14.21 -3.55
C LEU A 46 -19.85 13.96 -4.83
N ASP A 47 -18.63 13.47 -4.71
CA ASP A 47 -17.72 13.38 -5.85
C ASP A 47 -17.94 12.07 -6.62
N ILE A 48 -19.21 11.81 -6.94
CA ILE A 48 -19.68 10.56 -7.55
C ILE A 48 -20.86 10.93 -8.43
N CYS A 49 -20.66 10.96 -9.74
CA CYS A 49 -21.74 11.35 -10.65
C CYS A 49 -22.86 10.34 -10.54
N PRO A 50 -24.11 10.80 -10.42
CA PRO A 50 -25.23 9.88 -10.29
C PRO A 50 -25.46 8.96 -11.50
N HIS A 51 -24.90 9.30 -12.65
CA HIS A 51 -25.03 8.45 -13.84
C HIS A 51 -24.20 7.18 -13.69
N ARG A 52 -22.88 7.28 -13.82
CA ARG A 52 -22.01 6.11 -13.75
C ARG A 52 -20.81 6.29 -12.80
N PHE A 53 -20.93 7.28 -11.91
CA PHE A 53 -20.10 7.37 -10.72
C PHE A 53 -18.72 7.95 -10.97
N ALA A 54 -18.54 8.65 -12.09
CA ALA A 54 -17.27 9.32 -12.34
C ALA A 54 -17.03 10.48 -11.33
N PRO A 55 -15.76 10.79 -11.11
CA PRO A 55 -15.42 11.94 -10.27
C PRO A 55 -15.77 13.25 -10.92
N LEU A 56 -16.77 13.92 -10.38
CA LEU A 56 -17.08 15.27 -10.77
C LEU A 56 -15.89 16.21 -10.60
N SER A 57 -15.06 15.91 -9.61
CA SER A 57 -13.90 16.72 -9.31
C SER A 57 -12.87 16.76 -10.41
N ASP A 58 -12.95 15.84 -11.37
CA ASP A 58 -12.05 15.84 -12.54
C ASP A 58 -12.65 16.63 -13.70
N GLY A 59 -13.81 17.22 -13.45
CA GLY A 59 -14.50 18.01 -14.47
C GLY A 59 -14.14 19.48 -14.40
N ILE A 60 -14.72 20.24 -15.31
CA ILE A 60 -14.53 21.68 -15.36
C ILE A 60 -15.88 22.37 -15.29
N LEU A 61 -15.86 23.66 -15.00
CA LEU A 61 -17.09 24.42 -15.02
C LEU A 61 -17.49 24.75 -16.45
N VAL A 62 -18.78 24.56 -16.72
CA VAL A 62 -19.39 24.99 -17.97
C VAL A 62 -20.59 25.86 -17.58
N ASN A 63 -20.51 27.15 -17.85
CA ASN A 63 -21.54 28.11 -17.41
C ASN A 63 -21.68 28.17 -15.90
N GLY A 64 -20.57 28.05 -15.19
CA GLY A 64 -20.58 28.07 -13.73
C GLY A 64 -21.13 26.80 -13.12
N HIS A 65 -21.38 25.80 -13.97
CA HIS A 65 -21.90 24.53 -13.52
C HIS A 65 -20.82 23.46 -13.70
N LEU A 66 -20.65 22.65 -12.67
CA LEU A 66 -19.64 21.59 -12.74
C LEU A 66 -20.12 20.53 -13.74
N GLN A 67 -19.32 20.28 -14.77
CA GLN A 67 -19.63 19.29 -15.79
C GLN A 67 -18.92 17.97 -15.49
N CYS A 68 -19.67 16.88 -15.41
CA CYS A 68 -19.05 15.55 -15.29
C CYS A 68 -18.16 15.30 -16.50
N PRO A 69 -16.94 14.82 -16.26
CA PRO A 69 -16.00 14.62 -17.36
C PRO A 69 -16.32 13.41 -18.24
N TYR A 70 -17.28 12.58 -17.83
CA TYR A 70 -17.50 11.30 -18.53
C TYR A 70 -18.49 11.48 -19.67
N HIS A 71 -19.74 11.86 -19.35
CA HIS A 71 -20.78 12.05 -20.38
C HIS A 71 -21.46 13.39 -20.25
N GLY A 72 -20.89 14.28 -19.45
CA GLY A 72 -21.18 15.72 -19.59
C GLY A 72 -22.46 16.24 -18.95
N LEU A 73 -23.04 15.47 -18.03
CA LEU A 73 -24.09 16.05 -17.16
C LEU A 73 -23.53 17.27 -16.44
N GLU A 74 -24.36 18.30 -16.27
CA GLU A 74 -23.96 19.51 -15.58
C GLU A 74 -24.78 19.71 -14.30
N PHE A 75 -24.10 20.18 -13.25
CA PHE A 75 -24.70 20.29 -11.92
C PHE A 75 -24.50 21.72 -11.38
N ASP A 76 -25.47 22.21 -10.62
CA ASP A 76 -25.28 23.45 -9.87
C ASP A 76 -24.86 23.17 -8.45
N GLY A 77 -24.66 24.23 -7.67
CA GLY A 77 -24.07 24.09 -6.36
C GLY A 77 -24.98 23.41 -5.35
N GLY A 78 -26.27 23.30 -5.69
CA GLY A 78 -27.22 22.55 -4.87
C GLY A 78 -27.36 21.11 -5.32
N GLY A 79 -26.53 20.71 -6.27
CA GLY A 79 -26.52 19.35 -6.78
C GLY A 79 -27.57 19.06 -7.85
N GLN A 80 -28.35 20.07 -8.24
CA GLN A 80 -29.39 19.86 -9.25
C GLN A 80 -28.72 19.60 -10.60
N CYS A 81 -29.17 18.57 -11.32
CA CYS A 81 -28.74 18.41 -12.69
C CYS A 81 -29.45 19.46 -13.54
N VAL A 82 -28.67 20.31 -14.19
CA VAL A 82 -29.22 21.45 -14.93
C VAL A 82 -29.02 21.35 -16.45
N HIS A 83 -28.28 20.33 -16.90
CA HIS A 83 -28.22 20.03 -18.31
C HIS A 83 -27.89 18.56 -18.54
N ASN A 84 -28.70 17.91 -19.37
CA ASN A 84 -28.39 16.56 -19.88
C ASN A 84 -28.30 16.56 -21.40
N PRO A 85 -27.08 16.40 -21.93
CA PRO A 85 -26.81 16.51 -23.36
C PRO A 85 -27.47 15.41 -24.23
N HIS A 86 -28.05 14.40 -23.61
CA HIS A 86 -28.32 13.15 -24.33
C HIS A 86 -29.80 12.94 -24.63
N GLY A 87 -30.09 12.63 -25.89
CA GLY A 87 -31.45 12.25 -26.24
C GLY A 87 -32.34 13.46 -26.09
N ASN A 88 -33.47 13.30 -25.42
CA ASN A 88 -34.43 14.39 -25.29
C ASN A 88 -33.97 15.40 -24.24
N GLY A 89 -32.86 15.10 -23.57
CA GLY A 89 -32.31 16.01 -22.56
C GLY A 89 -33.07 16.01 -21.25
N ALA A 90 -33.87 14.97 -21.00
CA ALA A 90 -34.73 14.93 -19.80
C ALA A 90 -33.91 14.88 -18.51
N ARG A 91 -34.37 15.59 -17.48
CA ARG A 91 -33.60 15.66 -16.21
C ARG A 91 -34.46 15.25 -15.01
N PRO A 92 -34.70 13.95 -14.85
CA PRO A 92 -35.46 13.49 -13.70
C PRO A 92 -34.64 13.59 -12.43
N ALA A 93 -35.29 13.43 -11.28
CA ALA A 93 -34.68 13.78 -10.00
C ALA A 93 -33.56 12.79 -9.68
N SER A 94 -33.63 11.62 -10.31
CA SER A 94 -32.58 10.63 -10.21
C SER A 94 -31.22 11.12 -10.68
N LEU A 95 -31.17 12.19 -11.47
CA LEU A 95 -29.88 12.70 -11.96
C LEU A 95 -29.23 13.72 -11.00
N ASN A 96 -29.98 14.18 -10.02
CA ASN A 96 -29.42 15.12 -9.05
C ASN A 96 -28.38 14.45 -8.18
N VAL A 97 -27.32 15.18 -7.89
CA VAL A 97 -26.25 14.67 -7.01
C VAL A 97 -26.35 15.31 -5.63
N ARG A 98 -25.94 14.57 -4.60
CA ARG A 98 -26.00 15.06 -3.23
C ARG A 98 -25.10 16.28 -3.08
N SER A 99 -25.62 17.31 -2.42
CA SER A 99 -24.88 18.53 -2.12
C SER A 99 -24.82 18.66 -0.60
N PHE A 100 -23.72 19.19 -0.11
CA PHE A 100 -23.49 19.30 1.31
C PHE A 100 -23.57 20.77 1.76
N PRO A 101 -24.25 21.05 2.88
CA PRO A 101 -24.22 22.42 3.37
C PRO A 101 -22.82 22.95 3.59
N VAL A 102 -22.59 24.19 3.17
CA VAL A 102 -21.29 24.84 3.35
C VAL A 102 -21.51 26.20 4.03
N VAL A 103 -20.67 26.49 5.02
CA VAL A 103 -20.57 27.85 5.55
C VAL A 103 -19.12 28.28 5.47
N GLU A 104 -18.87 29.39 4.77
CA GLU A 104 -17.55 29.98 4.74
C GLU A 104 -17.48 31.04 5.83
N ARG A 105 -16.70 30.78 6.87
CA ARG A 105 -16.69 31.64 8.04
C ARG A 105 -15.32 31.56 8.71
N ASP A 106 -14.80 32.69 9.16
CA ASP A 106 -13.51 32.73 9.87
C ASP A 106 -12.35 32.16 9.01
N ALA A 107 -12.43 32.39 7.70
CA ALA A 107 -11.41 31.97 6.77
C ALA A 107 -11.23 30.43 6.84
N LEU A 108 -12.36 29.76 6.98
CA LEU A 108 -12.47 28.31 7.01
C LEU A 108 -13.66 27.93 6.12
N ILE A 109 -13.54 26.80 5.44
CA ILE A 109 -14.66 26.19 4.77
C ILE A 109 -15.28 25.04 5.58
N TRP A 110 -16.43 25.31 6.19
CA TRP A 110 -17.11 24.35 7.04
C TRP A 110 -18.17 23.60 6.24
N ILE A 111 -18.25 22.29 6.43
CA ILE A 111 -19.18 21.47 5.68
C ILE A 111 -19.89 20.57 6.67
N TRP A 112 -21.17 20.34 6.40
CA TRP A 112 -21.99 19.43 7.21
C TRP A 112 -22.23 18.11 6.51
N PRO A 113 -21.61 17.03 7.01
CA PRO A 113 -21.68 15.79 6.21
C PRO A 113 -22.82 14.86 6.55
N GLY A 114 -23.70 15.25 7.48
CA GLY A 114 -24.78 14.38 7.89
C GLY A 114 -26.10 14.74 7.21
N ASP A 115 -27.18 14.74 7.98
CA ASP A 115 -28.49 15.11 7.45
C ASP A 115 -28.52 16.61 7.21
N PRO A 116 -28.64 17.01 5.94
CA PRO A 116 -28.47 18.42 5.62
C PRO A 116 -29.58 19.29 6.22
N ALA A 117 -30.74 18.69 6.49
CA ALA A 117 -31.85 19.38 7.16
C ALA A 117 -31.44 19.93 8.52
N LEU A 118 -30.40 19.34 9.14
CA LEU A 118 -30.05 19.63 10.53
C LEU A 118 -28.86 20.58 10.65
N ALA A 119 -28.34 21.01 9.51
CA ALA A 119 -27.13 21.85 9.50
C ALA A 119 -27.46 23.20 10.10
N ASP A 120 -26.85 23.53 11.22
CA ASP A 120 -27.20 24.71 12.03
C ASP A 120 -25.98 25.60 12.16
N PRO A 121 -25.95 26.72 11.44
CA PRO A 121 -24.73 27.54 11.46
C PRO A 121 -24.38 28.07 12.85
N GLY A 122 -25.35 28.05 13.74
CA GLY A 122 -25.12 28.46 15.10
C GLY A 122 -24.25 27.52 15.87
N ALA A 123 -24.06 26.31 15.34
CA ALA A 123 -23.20 25.32 15.97
C ALA A 123 -21.74 25.39 15.53
N ILE A 124 -21.40 26.30 14.64
CA ILE A 124 -20.04 26.39 14.14
C ILE A 124 -19.19 27.07 15.20
N PRO A 125 -18.07 26.43 15.59
CA PRO A 125 -17.16 26.99 16.58
C PRO A 125 -16.62 28.34 16.19
N ASP A 126 -16.32 29.16 17.19
CA ASP A 126 -15.90 30.55 16.98
C ASP A 126 -14.39 30.64 16.81
N PHE A 127 -13.97 30.97 15.59
CA PHE A 127 -12.56 31.23 15.27
C PHE A 127 -12.39 32.64 14.69
N GLY A 128 -13.12 33.59 15.25
CA GLY A 128 -13.22 34.93 14.69
C GLY A 128 -11.90 35.66 14.59
N CYS A 129 -10.95 35.29 15.45
CA CYS A 129 -9.62 35.87 15.39
C CYS A 129 -8.97 35.77 14.00
N ARG A 130 -9.34 34.74 13.25
CA ARG A 130 -8.79 34.50 11.92
C ARG A 130 -9.18 35.57 10.90
N VAL A 131 -10.21 36.34 11.22
CA VAL A 131 -10.66 37.39 10.30
C VAL A 131 -10.73 38.75 10.98
N ASP A 132 -10.12 38.83 12.15
CA ASP A 132 -10.07 40.07 12.94
C ASP A 132 -8.87 40.88 12.47
N PRO A 133 -9.10 42.10 11.98
CA PRO A 133 -7.98 42.86 11.46
C PRO A 133 -6.93 43.24 12.50
N ALA A 134 -7.24 43.02 13.77
CA ALA A 134 -6.26 43.23 14.83
C ALA A 134 -5.27 42.05 14.97
N TYR A 135 -5.59 40.94 14.31
CA TYR A 135 -4.71 39.76 14.32
C TYR A 135 -4.11 39.51 12.95
N ARG A 136 -2.85 39.08 12.94
CA ARG A 136 -2.22 38.53 11.76
C ARG A 136 -2.26 37.01 11.75
N THR A 137 -2.86 36.46 10.70
CA THR A 137 -3.03 35.02 10.60
C THR A 137 -2.26 34.38 9.46
N VAL A 138 -1.50 33.35 9.77
CA VAL A 138 -0.82 32.54 8.75
C VAL A 138 -1.02 31.06 9.08
N GLY A 139 -1.04 30.22 8.06
CA GLY A 139 -1.24 28.80 8.33
C GLY A 139 -1.35 27.99 7.08
N GLY A 140 -1.83 26.76 7.23
CA GLY A 140 -1.86 25.88 6.10
C GLY A 140 -2.49 24.56 6.43
N TYR A 141 -2.23 23.59 5.57
CA TYR A 141 -2.85 22.27 5.59
C TYR A 141 -1.78 21.19 5.71
N GLY A 142 -2.11 20.13 6.44
CA GLY A 142 -1.29 18.92 6.45
C GLY A 142 -2.16 17.68 6.42
N HIS A 143 -1.67 16.66 5.74
CA HIS A 143 -2.29 15.34 5.76
C HIS A 143 -1.53 14.42 6.68
N VAL A 144 -2.26 13.66 7.48
CA VAL A 144 -1.63 12.80 8.50
C VAL A 144 -2.26 11.41 8.48
N ASP A 145 -1.41 10.40 8.42
CA ASP A 145 -1.84 9.00 8.44
C ASP A 145 -2.05 8.50 9.88
N CYS A 146 -2.94 9.17 10.60
CA CYS A 146 -3.41 8.68 11.89
C CYS A 146 -4.91 8.92 12.02
N ASN A 147 -5.55 8.14 12.88
CA ASN A 147 -6.89 8.48 13.36
C ASN A 147 -6.92 9.88 13.97
N TYR A 148 -7.90 10.71 13.59
CA TYR A 148 -7.91 12.09 14.06
C TYR A 148 -7.88 12.16 15.59
N LYS A 149 -8.40 11.15 16.27
CA LYS A 149 -8.44 11.19 17.74
C LYS A 149 -7.05 11.23 18.37
N LEU A 150 -6.07 10.73 17.66
CA LEU A 150 -4.69 10.76 18.16
C LEU A 150 -4.14 12.18 18.14
N LEU A 151 -4.55 12.98 17.18
CA LEU A 151 -4.14 14.36 17.18
C LEU A 151 -4.96 15.25 18.11
N VAL A 152 -6.21 14.88 18.38
CA VAL A 152 -6.96 15.54 19.45
C VAL A 152 -6.23 15.30 20.79
N ASP A 153 -5.84 14.05 21.04
CA ASP A 153 -5.07 13.69 22.24
C ASP A 153 -3.81 14.55 22.31
N ASN A 154 -3.11 14.63 21.18
CA ASN A 154 -1.89 15.43 21.08
C ASN A 154 -2.09 16.88 21.53
N LEU A 155 -3.09 17.51 20.95
CA LEU A 155 -3.35 18.91 21.19
C LEU A 155 -3.93 19.17 22.58
N MET A 156 -4.67 18.22 23.14
CA MET A 156 -5.31 18.45 24.43
C MET A 156 -4.34 18.22 25.61
N ASP A 157 -3.15 17.70 25.34
CA ASP A 157 -2.00 17.82 26.26
C ASP A 157 -0.82 18.51 25.60
N LEU A 158 -0.82 19.83 25.64
CA LEU A 158 0.24 20.59 25.04
C LEU A 158 1.57 20.48 25.80
N GLY A 159 1.57 19.77 26.92
CA GLY A 159 2.81 19.43 27.62
C GLY A 159 3.77 18.64 26.74
N HIS A 160 3.23 18.01 25.70
CA HIS A 160 4.06 17.19 24.81
C HIS A 160 5.12 18.05 24.13
N ALA A 161 4.87 19.35 24.04
CA ALA A 161 5.80 20.25 23.37
C ALA A 161 7.15 20.28 24.05
N GLN A 162 7.15 20.03 25.36
CA GLN A 162 8.39 20.01 26.15
C GLN A 162 9.40 18.95 25.66
N TYR A 163 8.88 17.89 25.04
CA TYR A 163 9.70 16.80 24.52
C TYR A 163 9.68 16.76 22.99
N VAL A 164 8.51 16.56 22.41
CA VAL A 164 8.37 16.42 20.95
C VAL A 164 8.96 17.63 20.25
N HIS A 165 8.75 18.82 20.82
CA HIS A 165 9.23 20.05 20.20
C HIS A 165 10.30 20.71 21.04
N ARG A 166 11.08 19.90 21.75
CA ARG A 166 11.99 20.45 22.73
C ARG A 166 12.95 21.54 22.20
N ALA A 167 13.48 21.38 20.99
CA ALA A 167 14.41 22.38 20.45
C ALA A 167 13.79 23.79 20.42
N ASN A 168 12.47 23.86 20.27
CA ASN A 168 11.79 25.17 20.15
C ASN A 168 11.01 25.53 21.42
N ALA A 169 10.53 24.53 22.15
CA ALA A 169 9.45 24.75 23.11
C ALA A 169 9.86 24.44 24.56
N GLN A 170 11.03 23.83 24.77
CA GLN A 170 11.45 23.41 26.12
C GLN A 170 11.54 24.64 27.02
N THR A 171 10.97 24.55 28.22
CA THR A 171 11.17 25.58 29.26
C THR A 171 11.76 25.01 30.54
N ASP A 172 12.61 25.80 31.20
CA ASP A 172 13.20 25.36 32.46
C ASP A 172 12.25 25.55 33.65
N ALA A 173 11.04 26.02 33.37
CA ALA A 173 10.02 26.19 34.40
C ALA A 173 8.93 25.11 34.31
N PHE A 174 9.16 24.11 33.46
CA PHE A 174 8.17 23.04 33.23
C PHE A 174 7.75 22.35 34.52
N ASP A 175 8.70 22.22 35.46
CA ASP A 175 8.45 21.56 36.75
C ASP A 175 7.43 22.35 37.58
N ARG A 176 7.20 23.61 37.22
CA ARG A 176 6.30 24.49 37.98
C ARG A 176 5.01 24.80 37.23
N LEU A 177 4.70 24.02 36.19
CA LEU A 177 3.44 24.16 35.44
C LEU A 177 2.23 24.19 36.38
N GLU A 178 1.30 25.11 36.15
CA GLU A 178 -0.01 25.06 36.80
C GLU A 178 -1.08 24.74 35.74
N ARG A 179 -1.86 23.69 35.98
CA ARG A 179 -2.88 23.24 35.02
C ARG A 179 -4.25 23.40 35.67
N GLU A 180 -5.25 23.76 34.88
CA GLU A 180 -6.64 23.57 35.26
C GLU A 180 -7.41 23.07 34.06
N VAL A 181 -8.57 22.49 34.31
CA VAL A 181 -9.46 22.04 33.28
C VAL A 181 -10.80 22.68 33.60
N ILE A 182 -11.37 23.40 32.64
CA ILE A 182 -12.70 23.93 32.80
C ILE A 182 -13.62 23.20 31.86
N VAL A 183 -14.70 22.66 32.42
CA VAL A 183 -15.63 21.87 31.64
C VAL A 183 -16.91 22.65 31.41
N GLY A 184 -17.23 22.89 30.15
CA GLY A 184 -18.43 23.59 29.79
C GLY A 184 -19.35 22.68 29.01
N ASP A 185 -20.35 23.29 28.38
CA ASP A 185 -21.32 22.57 27.59
C ASP A 185 -20.82 22.51 26.15
N GLY A 186 -20.36 21.32 25.73
CA GLY A 186 -19.80 21.13 24.39
C GLY A 186 -18.39 21.65 24.23
N GLU A 187 -17.78 22.05 25.34
CA GLU A 187 -16.51 22.78 25.32
C GLU A 187 -15.73 22.41 26.56
N ILE A 188 -14.42 22.24 26.37
CA ILE A 188 -13.49 21.93 27.44
C ILE A 188 -12.26 22.79 27.22
N GLN A 189 -11.80 23.44 28.29
CA GLN A 189 -10.55 24.18 28.26
C GLN A 189 -9.50 23.50 29.12
N ALA A 190 -8.31 23.33 28.57
CA ALA A 190 -7.14 22.94 29.36
C ALA A 190 -6.23 24.16 29.46
N LEU A 191 -6.09 24.70 30.67
CA LEU A 191 -5.22 25.86 30.90
C LEU A 191 -3.86 25.41 31.42
N MET A 192 -2.79 26.02 30.91
CA MET A 192 -1.42 25.78 31.39
C MET A 192 -0.71 27.13 31.52
N LYS A 193 -0.24 27.42 32.73
CA LYS A 193 0.65 28.55 32.98
C LYS A 193 2.01 28.04 33.40
N ILE A 194 3.05 28.60 32.76
CA ILE A 194 4.45 28.29 33.09
C ILE A 194 5.07 29.56 33.64
N PRO A 195 5.20 29.63 34.98
CA PRO A 195 5.54 30.85 35.69
C PRO A 195 7.06 30.94 35.90
N GLY A 196 7.65 32.06 35.52
CA GLY A 196 8.92 32.48 36.10
C GLY A 196 10.14 31.93 35.39
N GLY A 197 9.93 31.23 34.29
CA GLY A 197 11.03 30.61 33.56
C GLY A 197 11.71 31.58 32.61
N THR A 198 12.89 31.19 32.13
CA THR A 198 13.42 31.73 30.88
C THR A 198 12.47 31.43 29.71
N PRO A 199 12.29 32.39 28.81
CA PRO A 199 11.45 32.06 27.65
C PRO A 199 12.04 30.93 26.82
N SER A 200 11.18 30.09 26.27
CA SER A 200 11.62 29.07 25.33
C SER A 200 12.19 29.73 24.09
N VAL A 201 12.84 28.94 23.25
CA VAL A 201 13.38 29.45 22.01
C VAL A 201 12.31 30.15 21.18
N LEU A 202 11.15 29.50 21.03
CA LEU A 202 10.00 30.09 20.34
C LEU A 202 9.50 31.37 20.99
N MET A 203 9.28 31.34 22.31
CA MET A 203 8.81 32.53 23.00
C MET A 203 9.83 33.67 22.92
N ALA A 204 11.12 33.34 22.95
CA ALA A 204 12.14 34.39 22.80
C ALA A 204 12.06 35.05 21.43
N LYS A 205 11.72 34.28 20.40
CA LYS A 205 11.54 34.84 19.08
C LYS A 205 10.31 35.76 19.03
N PHE A 206 9.24 35.38 19.73
CA PHE A 206 8.06 36.21 19.87
C PHE A 206 8.45 37.57 20.42
N LEU A 207 9.36 37.53 21.40
CA LEU A 207 9.78 38.73 22.13
C LEU A 207 10.95 39.43 21.47
N ARG A 208 11.42 38.89 20.34
CA ARG A 208 12.56 39.45 19.63
C ARG A 208 13.81 39.42 20.50
N GLY A 209 14.03 38.27 21.13
CA GLY A 209 15.35 37.95 21.66
C GLY A 209 15.43 38.13 23.16
N ALA A 210 14.51 38.92 23.71
CA ALA A 210 14.54 39.21 25.14
C ALA A 210 14.56 37.90 25.95
N ASN A 211 15.52 37.78 26.86
CA ASN A 211 15.85 36.50 27.48
C ASN A 211 15.73 36.52 29.02
N THR A 212 15.23 37.62 29.57
CA THR A 212 14.94 37.72 30.99
C THR A 212 13.64 37.01 31.36
N PRO A 213 13.38 36.79 32.65
CA PRO A 213 12.34 35.84 33.05
C PRO A 213 10.93 36.27 32.60
N VAL A 214 10.10 35.31 32.25
CA VAL A 214 8.75 35.61 31.78
C VAL A 214 7.73 34.74 32.50
N ASP A 215 6.47 35.13 32.44
CA ASP A 215 5.39 34.15 32.50
C ASP A 215 4.92 33.76 31.09
N ALA A 216 4.62 32.48 30.91
CA ALA A 216 4.07 32.03 29.66
C ALA A 216 2.80 31.23 29.91
N TRP A 217 1.94 31.19 28.88
CA TRP A 217 0.73 30.40 28.93
C TRP A 217 0.65 29.55 27.68
N ASN A 218 0.01 28.39 27.80
CA ASN A 218 -0.35 27.59 26.64
C ASN A 218 -1.67 26.92 26.91
N ASP A 219 -2.76 27.67 26.73
CA ASP A 219 -4.10 27.17 26.98
C ASP A 219 -4.67 26.56 25.70
N ILE A 220 -5.64 25.66 25.84
CA ILE A 220 -6.37 25.19 24.68
C ILE A 220 -7.86 24.92 24.94
N ARG A 221 -8.66 25.31 23.96
CA ARG A 221 -10.11 25.16 23.99
C ARG A 221 -10.50 24.12 22.95
N TRP A 222 -11.26 23.11 23.37
CA TRP A 222 -11.87 22.15 22.46
C TRP A 222 -13.35 22.43 22.35
N ASN A 223 -13.86 22.42 21.12
CA ASN A 223 -15.28 22.25 20.84
C ASN A 223 -15.51 21.00 20.02
N LYS A 224 -16.63 20.33 20.28
CA LYS A 224 -17.00 19.18 19.49
C LYS A 224 -17.07 19.59 18.03
N VAL A 225 -16.73 18.68 17.13
CA VAL A 225 -16.15 17.37 17.44
C VAL A 225 -14.62 17.38 17.69
N SER A 226 -13.88 18.14 16.88
CA SER A 226 -12.43 18.08 16.89
C SER A 226 -11.83 19.40 16.42
N ALA A 227 -12.40 20.48 16.93
CA ALA A 227 -11.93 21.83 16.60
C ALA A 227 -11.32 22.47 17.83
N MET A 228 -10.03 22.81 17.75
CA MET A 228 -9.35 23.39 18.90
C MET A 228 -8.73 24.74 18.60
N LEU A 229 -8.70 25.60 19.61
CA LEU A 229 -8.07 26.91 19.52
C LEU A 229 -7.16 27.08 20.73
N ASN A 230 -5.87 27.29 20.51
CA ASN A 230 -5.00 27.46 21.63
C ASN A 230 -4.65 28.92 21.82
N PHE A 231 -4.01 29.19 22.97
CA PHE A 231 -3.56 30.51 23.37
C PHE A 231 -2.13 30.32 23.85
N ILE A 232 -1.18 30.74 23.02
CA ILE A 232 0.25 30.71 23.37
C ILE A 232 0.71 32.12 23.59
N ALA A 233 1.19 32.40 24.80
CA ALA A 233 1.35 33.78 25.21
C ALA A 233 2.52 33.89 26.12
N VAL A 234 3.16 35.06 26.13
CA VAL A 234 4.30 35.28 26.99
C VAL A 234 4.37 36.75 27.36
N ALA A 235 4.77 37.02 28.60
CA ALA A 235 4.83 38.39 29.10
C ALA A 235 5.85 38.49 30.26
N PRO A 236 6.26 39.72 30.60
CA PRO A 236 7.07 39.88 31.81
C PRO A 236 6.39 39.25 33.02
N GLU A 237 7.17 38.70 33.94
CA GLU A 237 6.58 38.12 35.13
C GLU A 237 5.57 39.07 35.73
N GLY A 238 4.39 38.53 36.07
CA GLY A 238 3.45 39.22 36.92
C GLY A 238 2.48 40.09 36.14
N THR A 239 2.77 40.33 34.87
CA THR A 239 1.84 41.06 34.01
C THR A 239 0.73 40.13 33.54
N PRO A 240 -0.53 40.61 33.60
CA PRO A 240 -1.71 39.80 33.30
C PRO A 240 -1.71 39.22 31.88
N LYS A 241 -1.87 37.90 31.81
CA LYS A 241 -2.43 37.21 30.65
C LYS A 241 -3.03 38.07 29.54
N GLU A 242 -4.01 38.90 29.89
CA GLU A 242 -4.83 39.60 28.90
C GLU A 242 -3.99 40.67 28.19
N GLN A 243 -2.85 41.00 28.80
CA GLN A 243 -1.99 42.08 28.32
C GLN A 243 -0.81 41.53 27.51
N SER A 244 -0.79 40.22 27.32
CA SER A 244 0.39 39.54 26.80
C SER A 244 0.43 39.69 25.29
N ILE A 245 1.60 39.51 24.70
CA ILE A 245 1.63 39.14 23.30
C ILE A 245 1.31 37.67 23.17
N HIS A 246 0.52 37.34 22.15
CA HIS A 246 0.00 36.00 22.02
C HIS A 246 -0.29 35.59 20.59
N SER A 247 -0.31 34.28 20.40
CA SER A 247 -0.87 33.67 19.20
C SER A 247 -2.06 32.82 19.64
N ARG A 248 -3.19 33.02 18.97
CA ARG A 248 -4.28 32.09 19.07
C ARG A 248 -4.19 31.13 17.89
N GLY A 249 -3.99 29.85 18.19
CA GLY A 249 -3.61 28.88 17.18
C GLY A 249 -4.82 28.11 16.79
N THR A 250 -5.11 28.11 15.49
CA THR A 250 -6.10 27.22 14.94
C THR A 250 -5.51 25.82 14.84
N HIS A 251 -6.15 24.84 15.48
CA HIS A 251 -5.77 23.43 15.34
C HIS A 251 -7.02 22.58 15.15
N ILE A 252 -7.40 22.39 13.90
CA ILE A 252 -8.68 21.77 13.56
C ILE A 252 -8.40 20.50 12.77
N LEU A 253 -8.99 19.39 13.21
CA LEU A 253 -8.83 18.11 12.55
C LEU A 253 -10.14 17.69 11.89
N THR A 254 -10.03 16.98 10.78
CA THR A 254 -11.18 16.41 10.12
C THR A 254 -10.84 15.01 9.66
N PRO A 255 -11.60 14.00 10.12
CA PRO A 255 -11.27 12.65 9.68
C PRO A 255 -11.34 12.50 8.18
N GLU A 256 -10.40 11.76 7.62
CA GLU A 256 -10.46 11.38 6.21
C GLU A 256 -11.00 9.97 6.08
N THR A 257 -10.21 9.02 6.57
CA THR A 257 -10.63 7.64 6.74
C THR A 257 -10.46 7.26 8.21
N GLU A 258 -10.74 6.02 8.58
CA GLU A 258 -10.60 5.66 9.99
C GLU A 258 -9.18 5.89 10.49
N ALA A 259 -8.21 5.78 9.60
CA ALA A 259 -6.78 5.83 9.99
C ALA A 259 -6.02 6.98 9.36
N SER A 260 -6.75 7.98 8.87
CA SER A 260 -6.12 9.18 8.33
C SER A 260 -6.94 10.43 8.55
N CYS A 261 -6.28 11.59 8.50
CA CYS A 261 -6.99 12.84 8.75
C CYS A 261 -6.35 14.05 8.09
N HIS A 262 -7.12 15.11 8.08
CA HIS A 262 -6.71 16.43 7.60
C HIS A 262 -6.48 17.32 8.80
N TYR A 263 -5.41 18.10 8.74
CA TYR A 263 -5.01 18.96 9.83
C TYR A 263 -4.93 20.37 9.27
N PHE A 264 -5.81 21.22 9.76
CA PHE A 264 -5.83 22.63 9.39
C PHE A 264 -5.29 23.42 10.55
N PHE A 265 -4.20 24.12 10.30
CA PHE A 265 -3.53 24.80 11.36
C PHE A 265 -3.29 26.25 11.00
N GLY A 266 -3.19 27.08 12.03
CA GLY A 266 -2.90 28.49 11.84
C GLY A 266 -2.46 29.14 13.12
N SER A 267 -1.88 30.31 12.95
CA SER A 267 -1.53 31.20 14.03
C SER A 267 -2.13 32.56 13.78
N SER A 268 -2.87 33.09 14.75
CA SER A 268 -3.45 34.43 14.70
C SER A 268 -2.78 35.23 15.80
N ARG A 269 -1.85 36.10 15.43
CA ARG A 269 -1.07 36.79 16.46
C ARG A 269 -1.40 38.28 16.56
N ASN A 270 -1.19 38.83 17.77
CA ASN A 270 -1.45 40.24 18.04
C ASN A 270 -0.19 41.10 18.09
N PHE A 271 0.92 40.53 17.62
CA PHE A 271 2.22 41.21 17.64
C PHE A 271 2.95 41.03 16.29
N GLY A 272 3.81 41.99 15.97
CA GLY A 272 4.52 41.97 14.72
C GLY A 272 3.59 41.73 13.55
N ILE A 273 2.50 42.48 13.50
CA ILE A 273 1.41 42.21 12.58
C ILE A 273 1.83 42.44 11.14
N ASP A 274 2.73 43.41 10.94
CA ASP A 274 3.24 43.71 9.60
C ASP A 274 4.71 43.30 9.47
N ASP A 275 5.00 42.05 9.80
CA ASP A 275 6.39 41.62 9.93
C ASP A 275 6.54 40.29 9.21
N PRO A 276 7.02 40.33 7.97
CA PRO A 276 7.16 39.12 7.17
C PRO A 276 8.13 38.11 7.78
N GLU A 277 9.10 38.59 8.54
CA GLU A 277 10.05 37.69 9.18
C GLU A 277 9.41 36.92 10.34
N MET A 278 8.53 37.58 11.10
CA MET A 278 7.70 36.88 12.08
C MET A 278 6.73 35.90 11.43
N ASP A 279 6.16 36.28 10.28
CA ASP A 279 5.39 35.32 9.49
C ASP A 279 6.26 34.06 9.33
N GLY A 280 7.53 34.26 8.98
CA GLY A 280 8.42 33.14 8.69
C GLY A 280 8.68 32.28 9.91
N VAL A 281 8.84 32.92 11.07
CA VAL A 281 8.99 32.21 12.32
C VAL A 281 7.81 31.29 12.53
N LEU A 282 6.60 31.81 12.37
CA LEU A 282 5.42 30.99 12.62
C LEU A 282 5.24 29.89 11.57
N ARG A 283 5.52 30.20 10.29
CA ARG A 283 5.43 29.16 9.27
C ARG A 283 6.46 28.04 9.45
N SER A 284 7.69 28.40 9.81
CA SER A 284 8.72 27.41 10.04
C SER A 284 8.39 26.57 11.30
N TRP A 285 7.86 27.20 12.34
CA TRP A 285 7.33 26.44 13.50
C TRP A 285 6.27 25.46 13.04
N GLN A 286 5.30 25.92 12.24
CA GLN A 286 4.24 25.03 11.78
C GLN A 286 4.78 23.86 10.97
N ALA A 287 5.75 24.13 10.11
CA ALA A 287 6.35 23.13 9.24
C ALA A 287 7.12 22.08 10.03
N GLN A 288 7.84 22.52 11.05
CA GLN A 288 8.68 21.61 11.84
C GLN A 288 7.88 20.91 12.95
N ALA A 289 7.10 21.66 13.71
CA ALA A 289 6.40 21.10 14.86
C ALA A 289 5.23 20.23 14.45
N LEU A 290 4.41 20.79 13.56
CA LEU A 290 3.10 20.24 13.31
C LEU A 290 3.19 19.21 12.19
N VAL A 291 3.73 19.61 11.04
CA VAL A 291 3.71 18.75 9.86
C VAL A 291 4.83 17.70 9.88
N LYS A 292 5.88 17.95 10.65
CA LYS A 292 6.95 16.96 10.83
C LYS A 292 6.84 16.20 12.17
N GLU A 293 7.12 16.89 13.27
CA GLU A 293 7.35 16.22 14.57
C GLU A 293 6.12 15.52 15.12
N ASP A 294 4.99 16.22 15.17
CA ASP A 294 3.77 15.64 15.66
C ASP A 294 3.28 14.56 14.74
N LYS A 295 3.37 14.79 13.42
CA LYS A 295 3.08 13.75 12.45
C LYS A 295 3.83 12.47 12.73
N VAL A 296 5.13 12.57 12.96
CA VAL A 296 5.97 11.40 13.15
C VAL A 296 5.53 10.61 14.36
N VAL A 297 5.18 11.31 15.45
CA VAL A 297 4.73 10.60 16.65
C VAL A 297 3.39 9.91 16.41
N VAL A 298 2.39 10.66 15.94
CA VAL A 298 1.06 10.10 15.83
C VAL A 298 0.97 9.04 14.73
N GLU A 299 1.71 9.20 13.64
CA GLU A 299 1.77 8.14 12.63
C GLU A 299 2.41 6.86 13.16
N ALA A 300 3.46 6.98 13.98
CA ALA A 300 4.02 5.78 14.66
C ALA A 300 3.04 5.11 15.59
N ILE A 301 2.29 5.90 16.36
CA ILE A 301 1.29 5.35 17.26
C ILE A 301 0.22 4.61 16.46
N GLU A 302 -0.18 5.17 15.34
CA GLU A 302 -1.18 4.52 14.51
C GLU A 302 -0.68 3.16 14.02
N ARG A 303 0.60 3.07 13.67
CA ARG A 303 1.17 1.80 13.22
C ARG A 303 1.19 0.76 14.32
N ARG A 304 1.12 1.19 15.57
CA ARG A 304 1.18 0.28 16.71
C ARG A 304 -0.23 -0.14 17.16
N ARG A 305 -1.27 0.41 16.51
CA ARG A 305 -2.64 0.09 16.86
C ARG A 305 -2.94 -1.41 16.77
N ALA A 306 -2.50 -2.06 15.71
CA ALA A 306 -2.83 -3.47 15.52
C ALA A 306 -2.30 -4.30 16.69
N TYR A 307 -1.08 -4.02 17.12
CA TYR A 307 -0.48 -4.76 18.23
C TYR A 307 -1.23 -4.50 19.53
N VAL A 308 -1.49 -3.24 19.78
CA VAL A 308 -2.16 -2.79 21.01
C VAL A 308 -3.53 -3.48 21.13
N GLU A 309 -4.27 -3.52 20.04
CA GLU A 309 -5.59 -4.11 20.04
C GLU A 309 -5.49 -5.62 20.18
N ALA A 310 -4.52 -6.24 19.50
CA ALA A 310 -4.46 -7.69 19.47
C ALA A 310 -4.08 -8.19 20.85
N ASN A 311 -3.41 -7.33 21.61
CA ASN A 311 -2.89 -7.75 22.90
C ASN A 311 -3.65 -7.15 24.08
N GLY A 312 -4.76 -6.50 23.80
CA GLY A 312 -5.62 -5.96 24.86
C GLY A 312 -4.97 -4.89 25.72
N ILE A 313 -4.06 -4.11 25.12
CA ILE A 313 -3.28 -3.13 25.86
C ILE A 313 -4.10 -1.85 26.01
N ARG A 314 -4.16 -1.32 27.22
CA ARG A 314 -4.85 -0.04 27.45
C ARG A 314 -3.86 0.99 27.92
N PRO A 315 -4.11 2.26 27.61
CA PRO A 315 -3.19 3.34 27.97
C PRO A 315 -3.16 3.55 29.47
N ALA A 316 -1.99 3.93 29.99
CA ALA A 316 -1.84 4.26 31.40
C ALA A 316 -1.85 5.76 31.57
N MET A 317 -2.76 6.30 32.38
CA MET A 317 -2.91 7.75 32.40
C MET A 317 -2.00 8.41 33.45
N LEU A 318 -1.60 9.65 33.14
CA LEU A 318 -0.72 10.44 33.96
C LEU A 318 -1.46 11.71 34.36
N SER A 319 -0.85 12.52 35.22
CA SER A 319 -1.57 13.65 35.84
C SER A 319 -1.91 14.68 34.77
N CYS A 320 -1.24 14.59 33.63
CA CYS A 320 -1.38 15.58 32.57
C CYS A 320 -2.52 15.25 31.62
N ASP A 321 -3.24 14.16 31.87
CA ASP A 321 -4.17 13.66 30.87
C ASP A 321 -5.62 14.08 31.03
N GLU A 322 -5.95 14.85 32.07
CA GLU A 322 -7.37 15.00 32.43
C GLU A 322 -8.19 15.53 31.25
N ALA A 323 -7.70 16.60 30.64
CA ALA A 323 -8.46 17.26 29.58
C ALA A 323 -8.59 16.34 28.36
N ALA A 324 -7.50 15.67 28.00
CA ALA A 324 -7.52 14.79 26.86
C ALA A 324 -8.53 13.67 27.08
N VAL A 325 -8.54 13.11 28.29
CA VAL A 325 -9.47 12.04 28.60
C VAL A 325 -10.92 12.51 28.56
N ARG A 326 -11.20 13.68 29.14
CA ARG A 326 -12.55 14.20 29.13
C ARG A 326 -13.04 14.42 27.70
N VAL A 327 -12.19 14.99 26.84
CA VAL A 327 -12.52 15.14 25.42
C VAL A 327 -12.74 13.80 24.72
N SER A 328 -11.84 12.85 24.94
CA SER A 328 -11.97 11.54 24.33
C SER A 328 -13.31 10.90 24.69
N ARG A 329 -13.69 11.01 25.95
CA ARG A 329 -14.95 10.42 26.40
C ARG A 329 -16.16 11.13 25.77
N GLU A 330 -16.05 12.43 25.57
CA GLU A 330 -17.12 13.20 24.93
C GLU A 330 -17.26 12.81 23.47
N ILE A 331 -16.14 12.62 22.77
CA ILE A 331 -16.21 12.16 21.37
C ILE A 331 -16.85 10.78 21.30
N GLU A 332 -16.42 9.88 22.17
CA GLU A 332 -16.97 8.53 22.22
C GLU A 332 -18.49 8.58 22.44
N LYS A 333 -18.92 9.43 23.37
CA LYS A 333 -20.35 9.64 23.64
C LYS A 333 -21.13 10.11 22.42
N LEU A 334 -20.59 11.10 21.73
CA LEU A 334 -21.17 11.58 20.48
C LEU A 334 -21.24 10.49 19.42
N GLU A 335 -20.20 9.69 19.34
CA GLU A 335 -20.15 8.56 18.40
C GLU A 335 -21.31 7.61 18.68
N GLN A 336 -21.48 7.25 19.95
CA GLN A 336 -22.52 6.28 20.31
C GLN A 336 -23.92 6.84 20.13
N LEU A 337 -24.10 8.12 20.46
CA LEU A 337 -25.38 8.79 20.24
C LEU A 337 -25.75 8.74 18.76
N GLU A 338 -24.77 8.94 17.90
CA GLU A 338 -25.01 9.01 16.47
C GLU A 338 -25.28 7.60 15.90
N ALA A 339 -24.66 6.58 16.49
CA ALA A 339 -24.86 5.21 16.02
C ALA A 339 -26.27 4.70 16.34
N ALA A 340 -26.98 5.43 17.19
CA ALA A 340 -28.36 5.08 17.53
C ALA A 340 -29.31 5.63 16.47
N ARG A 341 -28.85 6.59 15.69
CA ARG A 341 -29.70 7.26 14.72
C ARG A 341 -29.34 6.83 13.29
N ALA B 2 -12.85 -12.71 -7.64
CA ALA B 2 -14.08 -12.90 -6.80
C ALA B 2 -15.08 -13.73 -7.59
N THR B 3 -15.95 -13.08 -8.37
CA THR B 3 -16.77 -13.78 -9.35
C THR B 3 -16.34 -13.42 -10.77
N PHE B 4 -15.86 -14.44 -11.46
CA PHE B 4 -15.50 -14.33 -12.86
C PHE B 4 -16.30 -15.39 -13.60
N VAL B 5 -16.36 -15.28 -14.92
CA VAL B 5 -16.91 -16.35 -15.75
C VAL B 5 -15.73 -17.17 -16.22
N ARG B 6 -15.43 -18.27 -15.53
CA ARG B 6 -14.18 -18.98 -15.80
C ARG B 6 -14.32 -19.87 -17.05
N ASN B 7 -15.54 -20.30 -17.34
CA ASN B 7 -15.77 -21.18 -18.51
C ASN B 7 -16.03 -20.38 -19.78
N ALA B 8 -14.93 -19.79 -20.27
CA ALA B 8 -14.93 -18.91 -21.43
C ALA B 8 -13.50 -18.75 -21.90
N TRP B 9 -13.35 -18.36 -23.16
CA TRP B 9 -12.04 -18.05 -23.70
C TRP B 9 -11.72 -16.59 -23.40
N TYR B 10 -10.48 -16.33 -23.01
CA TYR B 10 -9.97 -14.97 -22.81
C TYR B 10 -8.67 -14.75 -23.58
N VAL B 11 -8.47 -13.53 -24.06
CA VAL B 11 -7.18 -13.19 -24.61
C VAL B 11 -6.23 -12.98 -23.45
N ALA B 12 -5.12 -13.71 -23.48
CA ALA B 12 -4.11 -13.62 -22.46
C ALA B 12 -2.90 -12.83 -22.94
N ALA B 13 -2.73 -12.73 -24.26
CA ALA B 13 -1.56 -12.05 -24.82
C ALA B 13 -1.78 -11.78 -26.31
N LEU B 14 -1.05 -10.80 -26.82
CA LEU B 14 -0.89 -10.66 -28.26
C LEU B 14 0.30 -11.55 -28.66
N PRO B 15 0.24 -12.14 -29.85
CA PRO B 15 1.30 -13.07 -30.24
C PRO B 15 2.69 -12.43 -30.15
N GLU B 16 2.78 -11.14 -30.51
CA GLU B 16 4.04 -10.44 -30.51
C GLU B 16 4.64 -10.28 -29.12
N GLU B 17 3.83 -10.48 -28.09
CA GLU B 17 4.35 -10.43 -26.71
C GLU B 17 5.08 -11.68 -26.33
N LEU B 18 4.88 -12.75 -27.09
CA LEU B 18 5.38 -14.05 -26.70
C LEU B 18 6.64 -14.41 -27.48
N SER B 19 7.49 -15.19 -26.85
CA SER B 19 8.72 -15.64 -27.46
C SER B 19 9.16 -16.86 -26.66
N GLU B 20 10.42 -17.23 -26.86
CA GLU B 20 10.99 -18.31 -26.07
C GLU B 20 11.30 -17.83 -24.65
N LYS B 21 11.25 -16.51 -24.44
CA LYS B 21 11.30 -15.94 -23.08
C LYS B 21 9.89 -15.81 -22.55
N PRO B 22 9.58 -16.59 -21.51
CA PRO B 22 8.23 -16.57 -20.99
C PRO B 22 7.73 -15.20 -20.53
N LEU B 23 6.43 -15.04 -20.62
CA LEU B 23 5.70 -13.91 -20.06
C LEU B 23 4.85 -14.41 -18.91
N GLY B 24 5.00 -13.76 -17.76
CA GLY B 24 4.10 -14.04 -16.65
C GLY B 24 2.95 -13.06 -16.67
N ARG B 25 1.74 -13.59 -16.71
CA ARG B 25 0.57 -12.76 -16.66
C ARG B 25 -0.57 -13.49 -15.93
N THR B 26 -1.29 -12.75 -15.09
CA THR B 26 -2.40 -13.31 -14.31
C THR B 26 -3.72 -13.02 -15.02
N ILE B 27 -4.53 -14.06 -15.20
CA ILE B 27 -5.88 -13.89 -15.72
C ILE B 27 -6.88 -14.57 -14.81
N LEU B 28 -7.94 -13.86 -14.48
CA LEU B 28 -8.95 -14.36 -13.56
C LEU B 28 -8.28 -14.94 -12.30
N ASP B 29 -7.35 -14.17 -11.73
CA ASP B 29 -6.63 -14.51 -10.48
C ASP B 29 -5.78 -15.79 -10.58
N THR B 30 -5.49 -16.18 -11.81
CA THR B 30 -4.70 -17.37 -12.12
C THR B 30 -3.42 -16.95 -12.81
N PRO B 31 -2.29 -17.12 -12.13
CA PRO B 31 -1.03 -16.74 -12.75
C PRO B 31 -0.54 -17.74 -13.80
N LEU B 32 -0.24 -17.24 -14.99
CA LEU B 32 0.19 -18.03 -16.12
C LEU B 32 1.60 -17.72 -16.56
N ALA B 33 2.26 -18.77 -17.07
CA ALA B 33 3.53 -18.62 -17.79
C ALA B 33 3.24 -18.95 -19.24
N LEU B 34 3.35 -17.93 -20.08
CA LEU B 34 3.05 -18.03 -21.50
C LEU B 34 4.32 -18.00 -22.34
N TYR B 35 4.51 -18.95 -23.24
CA TYR B 35 5.70 -18.92 -24.08
C TYR B 35 5.46 -19.67 -25.38
N ARG B 36 6.31 -19.40 -26.35
CA ARG B 36 6.26 -20.06 -27.65
C ARG B 36 7.36 -21.07 -27.72
N GLN B 37 6.99 -22.29 -28.04
CA GLN B 37 7.94 -23.37 -28.22
C GLN B 37 8.66 -23.24 -29.55
N PRO B 38 9.77 -23.97 -29.72
CA PRO B 38 10.53 -23.87 -30.97
C PRO B 38 9.73 -24.20 -32.23
N ASP B 39 8.74 -25.09 -32.13
CA ASP B 39 7.88 -25.39 -33.28
C ASP B 39 6.80 -24.35 -33.52
N GLY B 40 6.82 -23.26 -32.73
CA GLY B 40 5.87 -22.15 -32.93
C GLY B 40 4.59 -22.25 -32.10
N VAL B 41 4.41 -23.35 -31.38
CA VAL B 41 3.17 -23.57 -30.66
C VAL B 41 3.26 -22.90 -29.31
N VAL B 42 2.25 -22.10 -28.97
CA VAL B 42 2.21 -21.44 -27.66
C VAL B 42 1.74 -22.39 -26.57
N ALA B 43 2.40 -22.32 -25.41
CA ALA B 43 2.02 -23.05 -24.22
C ALA B 43 1.68 -22.05 -23.12
N ALA B 44 0.73 -22.47 -22.28
CA ALA B 44 0.31 -21.71 -21.09
C ALA B 44 0.25 -22.60 -19.87
N LEU B 45 1.19 -22.41 -18.95
CA LEU B 45 1.26 -23.22 -17.78
C LEU B 45 0.92 -22.40 -16.57
N LEU B 46 0.37 -23.04 -15.56
CA LEU B 46 0.23 -22.40 -14.24
C LEU B 46 1.62 -21.96 -13.78
N ASP B 47 1.73 -20.69 -13.36
CA ASP B 47 3.05 -20.09 -13.09
C ASP B 47 3.48 -20.34 -11.66
N ILE B 48 3.38 -21.61 -11.29
CA ILE B 48 3.63 -22.07 -9.93
C ILE B 48 4.27 -23.45 -10.07
N CYS B 49 5.59 -23.52 -9.88
CA CYS B 49 6.27 -24.79 -9.96
C CYS B 49 5.71 -25.78 -8.93
N PRO B 50 5.41 -27.02 -9.39
CA PRO B 50 4.84 -27.97 -8.45
C PRO B 50 5.77 -28.37 -7.30
N HIS B 51 7.05 -28.09 -7.43
CA HIS B 51 8.00 -28.45 -6.39
C HIS B 51 7.85 -27.51 -5.18
N ARG B 52 8.32 -26.27 -5.30
CA ARG B 52 8.25 -25.29 -4.23
C ARG B 52 7.66 -23.95 -4.63
N PHE B 53 6.94 -23.93 -5.76
CA PHE B 53 6.00 -22.86 -6.12
C PHE B 53 6.66 -21.64 -6.77
N ALA B 54 7.90 -21.81 -7.22
CA ALA B 54 8.62 -20.77 -7.97
C ALA B 54 7.89 -20.34 -9.26
N PRO B 55 8.12 -19.09 -9.69
CA PRO B 55 7.59 -18.61 -10.94
C PRO B 55 8.32 -19.25 -12.13
N LEU B 56 7.65 -20.18 -12.78
CA LEU B 56 8.20 -20.75 -14.00
C LEU B 56 8.45 -19.68 -15.05
N SER B 57 7.70 -18.59 -15.02
CA SER B 57 7.78 -17.53 -16.02
C SER B 57 9.10 -16.78 -15.90
N ASP B 58 9.83 -17.00 -14.81
CA ASP B 58 11.15 -16.40 -14.66
C ASP B 58 12.27 -17.32 -15.14
N GLY B 59 11.92 -18.46 -15.72
CA GLY B 59 12.92 -19.38 -16.26
C GLY B 59 13.14 -19.20 -17.74
N ILE B 60 13.91 -20.11 -18.31
CA ILE B 60 14.16 -20.10 -19.74
C ILE B 60 13.80 -21.45 -20.33
N LEU B 61 13.79 -21.52 -21.65
CA LEU B 61 13.60 -22.82 -22.32
C LEU B 61 14.91 -23.54 -22.50
N VAL B 62 14.90 -24.83 -22.20
CA VAL B 62 16.01 -25.71 -22.51
C VAL B 62 15.45 -26.82 -23.41
N ASN B 63 16.01 -26.97 -24.60
CA ASN B 63 15.45 -27.88 -25.59
C ASN B 63 13.93 -27.75 -25.73
N GLY B 64 13.43 -26.52 -25.78
CA GLY B 64 12.01 -26.30 -26.01
C GLY B 64 11.11 -26.49 -24.80
N HIS B 65 11.74 -26.78 -23.66
CA HIS B 65 10.99 -27.07 -22.44
C HIS B 65 11.26 -25.98 -21.40
N LEU B 66 10.20 -25.54 -20.73
CA LEU B 66 10.35 -24.45 -19.75
C LEU B 66 11.03 -25.00 -18.49
N GLN B 67 12.15 -24.38 -18.10
CA GLN B 67 12.91 -24.81 -16.94
C GLN B 67 12.66 -23.90 -15.73
N CYS B 68 12.25 -24.48 -14.62
CA CYS B 68 12.06 -23.73 -13.39
C CYS B 68 13.38 -23.09 -13.01
N PRO B 69 13.36 -21.78 -12.69
CA PRO B 69 14.63 -21.12 -12.35
C PRO B 69 15.22 -21.50 -11.01
N TYR B 70 14.45 -22.16 -10.16
CA TYR B 70 14.87 -22.39 -8.76
C TYR B 70 15.71 -23.68 -8.64
N HIS B 71 15.15 -24.82 -8.99
CA HIS B 71 15.91 -26.07 -8.96
C HIS B 71 15.82 -26.86 -10.27
N GLY B 72 15.34 -26.23 -11.33
CA GLY B 72 15.57 -26.74 -12.68
C GLY B 72 14.74 -27.92 -13.13
N LEU B 73 13.60 -28.21 -12.50
CA LEU B 73 12.61 -29.08 -13.15
C LEU B 73 12.25 -28.47 -14.50
N GLU B 74 12.01 -29.34 -15.47
CA GLU B 74 11.65 -28.92 -16.81
C GLU B 74 10.30 -29.49 -17.22
N PHE B 75 9.57 -28.69 -17.98
CA PHE B 75 8.19 -29.01 -18.30
C PHE B 75 7.95 -28.89 -19.80
N ASP B 76 7.11 -29.77 -20.33
CA ASP B 76 6.68 -29.62 -21.72
C ASP B 76 5.40 -28.79 -21.79
N GLY B 77 4.90 -28.57 -23.00
CA GLY B 77 3.81 -27.63 -23.23
C GLY B 77 2.51 -28.15 -22.67
N GLY B 78 2.45 -29.45 -22.39
CA GLY B 78 1.28 -30.07 -21.77
C GLY B 78 1.34 -30.10 -20.26
N GLY B 79 2.41 -29.54 -19.71
CA GLY B 79 2.66 -29.47 -18.27
C GLY B 79 3.37 -30.68 -17.66
N GLN B 80 3.69 -31.66 -18.50
CA GLN B 80 4.41 -32.82 -18.01
C GLN B 80 5.82 -32.45 -17.59
N CYS B 81 6.22 -32.88 -16.40
CA CYS B 81 7.62 -32.81 -16.02
C CYS B 81 8.45 -33.76 -16.86
N VAL B 82 9.41 -33.20 -17.59
CA VAL B 82 10.28 -33.98 -18.49
C VAL B 82 11.74 -34.06 -18.03
N HIS B 83 12.09 -33.38 -16.95
CA HIS B 83 13.43 -33.54 -16.39
C HIS B 83 13.46 -33.16 -14.94
N ASN B 84 14.10 -34.02 -14.15
CA ASN B 84 14.41 -33.72 -12.77
C ASN B 84 15.91 -33.96 -12.55
N PRO B 85 16.67 -32.88 -12.40
CA PRO B 85 18.10 -33.00 -12.31
C PRO B 85 18.59 -33.59 -10.98
N HIS B 86 17.67 -34.00 -10.11
CA HIS B 86 18.00 -34.35 -8.73
C HIS B 86 17.84 -35.81 -8.39
N GLY B 87 18.80 -36.34 -7.62
CA GLY B 87 18.71 -37.69 -7.13
C GLY B 87 18.73 -38.67 -8.28
N ASN B 88 17.83 -39.65 -8.23
CA ASN B 88 17.71 -40.63 -9.29
C ASN B 88 17.01 -40.03 -10.51
N GLY B 89 16.60 -38.78 -10.40
CA GLY B 89 15.96 -38.09 -11.51
C GLY B 89 14.55 -38.59 -11.80
N ALA B 90 13.93 -39.25 -10.83
CA ALA B 90 12.57 -39.78 -10.99
C ALA B 90 11.57 -38.65 -11.22
N ARG B 91 10.54 -38.91 -12.02
CA ARG B 91 9.52 -37.90 -12.35
C ARG B 91 8.11 -38.43 -12.02
N PRO B 92 7.78 -38.50 -10.74
CA PRO B 92 6.44 -38.88 -10.30
C PRO B 92 5.39 -37.89 -10.79
N ALA B 93 4.14 -38.34 -10.84
CA ALA B 93 3.11 -37.60 -11.56
C ALA B 93 2.83 -36.30 -10.83
N SER B 94 3.20 -36.28 -9.54
CA SER B 94 2.98 -35.13 -8.70
C SER B 94 3.81 -33.95 -9.14
N LEU B 95 4.81 -34.19 -9.99
CA LEU B 95 5.65 -33.10 -10.49
C LEU B 95 5.07 -32.40 -11.70
N ASN B 96 3.97 -32.88 -12.24
CA ASN B 96 3.41 -32.22 -13.41
C ASN B 96 2.69 -30.92 -13.01
N VAL B 97 2.68 -29.96 -13.92
CA VAL B 97 2.05 -28.65 -13.71
C VAL B 97 0.84 -28.49 -14.62
N ARG B 98 -0.16 -27.76 -14.14
CA ARG B 98 -1.35 -27.49 -14.94
C ARG B 98 -1.03 -26.77 -16.23
N SER B 99 -1.58 -27.27 -17.34
CA SER B 99 -1.45 -26.60 -18.61
C SER B 99 -2.83 -26.25 -19.15
N PHE B 100 -2.98 -25.03 -19.63
CA PHE B 100 -4.27 -24.48 -20.01
C PHE B 100 -4.51 -24.60 -21.51
N PRO B 101 -5.77 -24.85 -21.90
CA PRO B 101 -6.05 -24.86 -23.32
C PRO B 101 -5.77 -23.52 -23.97
N VAL B 102 -5.10 -23.55 -25.11
CA VAL B 102 -4.64 -22.35 -25.80
C VAL B 102 -4.96 -22.48 -27.26
N VAL B 103 -5.43 -21.40 -27.84
CA VAL B 103 -5.68 -21.33 -29.27
C VAL B 103 -5.15 -20.01 -29.77
N GLU B 104 -4.23 -20.08 -30.73
CA GLU B 104 -3.73 -18.88 -31.39
C GLU B 104 -4.53 -18.68 -32.68
N ARG B 105 -5.25 -17.57 -32.74
CA ARG B 105 -6.19 -17.32 -33.83
C ARG B 105 -6.40 -15.83 -33.95
N ASP B 106 -6.47 -15.34 -35.19
CA ASP B 106 -6.73 -13.93 -35.44
C ASP B 106 -5.72 -13.03 -34.77
N ALA B 107 -4.47 -13.46 -34.75
CA ALA B 107 -3.39 -12.68 -34.15
C ALA B 107 -3.71 -12.38 -32.66
N LEU B 108 -4.29 -13.36 -31.98
CA LEU B 108 -4.61 -13.29 -30.55
C LEU B 108 -4.26 -14.62 -29.92
N ILE B 109 -3.88 -14.57 -28.65
CA ILE B 109 -3.66 -15.79 -27.89
C ILE B 109 -4.81 -15.95 -26.89
N TRP B 110 -5.70 -16.90 -27.20
CA TRP B 110 -6.85 -17.22 -26.37
C TRP B 110 -6.57 -18.38 -25.42
N ILE B 111 -6.99 -18.22 -24.16
CA ILE B 111 -6.79 -19.24 -23.14
C ILE B 111 -8.11 -19.53 -22.44
N TRP B 112 -8.32 -20.79 -22.09
CA TRP B 112 -9.52 -21.18 -21.34
C TRP B 112 -9.15 -21.48 -19.89
N PRO B 113 -9.56 -20.61 -18.95
CA PRO B 113 -9.09 -20.82 -17.58
C PRO B 113 -10.01 -21.68 -16.71
N GLY B 114 -11.11 -22.15 -17.31
CA GLY B 114 -12.14 -22.88 -16.58
C GLY B 114 -11.99 -24.38 -16.69
N ASP B 115 -13.11 -25.08 -16.61
CA ASP B 115 -13.15 -26.54 -16.64
C ASP B 115 -12.59 -27.00 -17.99
N PRO B 116 -11.43 -27.66 -17.98
CA PRO B 116 -10.80 -27.94 -19.28
C PRO B 116 -11.58 -28.92 -20.15
N ALA B 117 -12.47 -29.71 -19.54
CA ALA B 117 -13.31 -30.63 -20.30
C ALA B 117 -14.23 -29.88 -21.25
N LEU B 118 -14.41 -28.59 -21.02
CA LEU B 118 -15.52 -27.84 -21.63
C LEU B 118 -15.03 -26.86 -22.67
N ALA B 119 -13.72 -26.80 -22.87
CA ALA B 119 -13.12 -25.80 -23.76
C ALA B 119 -13.31 -26.13 -25.25
N ASP B 120 -14.23 -25.43 -25.90
CA ASP B 120 -14.54 -25.67 -27.29
C ASP B 120 -14.04 -24.52 -28.16
N PRO B 121 -13.03 -24.78 -28.99
CA PRO B 121 -12.40 -23.71 -29.74
C PRO B 121 -13.35 -23.04 -30.73
N GLY B 122 -14.44 -23.73 -31.06
CA GLY B 122 -15.43 -23.18 -31.97
C GLY B 122 -16.14 -21.97 -31.38
N ALA B 123 -15.96 -21.77 -30.08
CA ALA B 123 -16.69 -20.74 -29.33
C ALA B 123 -15.93 -19.40 -29.34
N ILE B 124 -14.71 -19.40 -29.86
CA ILE B 124 -13.87 -18.22 -29.86
C ILE B 124 -14.45 -17.22 -30.86
N PRO B 125 -14.67 -15.98 -30.44
CA PRO B 125 -15.24 -15.03 -31.38
C PRO B 125 -14.34 -14.64 -32.55
N ASP B 126 -14.95 -14.12 -33.61
CA ASP B 126 -14.29 -13.92 -34.89
C ASP B 126 -13.69 -12.52 -34.94
N PHE B 127 -12.36 -12.45 -35.03
CA PHE B 127 -11.66 -11.19 -35.24
C PHE B 127 -10.79 -11.29 -36.50
N GLY B 128 -11.38 -11.83 -37.56
CA GLY B 128 -10.63 -12.22 -38.76
C GLY B 128 -9.94 -11.07 -39.47
N CYS B 129 -10.44 -9.86 -39.26
CA CYS B 129 -9.84 -8.69 -39.89
C CYS B 129 -8.36 -8.52 -39.53
N ARG B 130 -7.98 -9.08 -38.37
CA ARG B 130 -6.65 -8.89 -37.80
C ARG B 130 -5.60 -9.65 -38.60
N VAL B 131 -6.06 -10.61 -39.40
CA VAL B 131 -5.17 -11.41 -40.23
C VAL B 131 -5.61 -11.35 -41.70
N ASP B 132 -6.46 -10.39 -42.03
CA ASP B 132 -6.91 -10.14 -43.42
C ASP B 132 -5.94 -9.19 -44.12
N PRO B 133 -5.28 -9.68 -45.20
CA PRO B 133 -4.30 -8.96 -46.01
C PRO B 133 -4.81 -7.62 -46.53
N ALA B 134 -6.13 -7.46 -46.59
CA ALA B 134 -6.72 -6.21 -47.06
C ALA B 134 -6.74 -5.16 -45.96
N TYR B 135 -6.45 -5.58 -44.73
CA TYR B 135 -6.45 -4.65 -43.61
C TYR B 135 -5.03 -4.47 -43.07
N ARG B 136 -4.74 -3.27 -42.61
CA ARG B 136 -3.51 -3.02 -41.86
C ARG B 136 -3.84 -2.88 -40.38
N THR B 137 -3.20 -3.70 -39.55
CA THR B 137 -3.50 -3.76 -38.13
C THR B 137 -2.33 -3.27 -37.29
N VAL B 138 -2.58 -2.26 -36.46
CA VAL B 138 -1.65 -1.85 -35.41
C VAL B 138 -2.35 -1.85 -34.05
N GLY B 139 -1.63 -2.16 -32.98
CA GLY B 139 -2.21 -2.08 -31.65
C GLY B 139 -1.24 -2.48 -30.57
N GLY B 140 -1.78 -2.92 -29.44
CA GLY B 140 -0.97 -3.17 -28.28
C GLY B 140 -1.74 -3.54 -27.04
N TYR B 141 -1.06 -3.44 -25.92
CA TYR B 141 -1.56 -3.88 -24.64
C TYR B 141 -1.57 -2.71 -23.64
N GLY B 142 -2.61 -2.63 -22.80
CA GLY B 142 -2.58 -1.81 -21.59
C GLY B 142 -3.12 -2.49 -20.34
N HIS B 143 -2.54 -2.14 -19.20
CA HIS B 143 -3.06 -2.58 -17.93
C HIS B 143 -3.91 -1.47 -17.27
N VAL B 144 -5.05 -1.82 -16.69
CA VAL B 144 -5.96 -0.83 -16.08
C VAL B 144 -6.43 -1.32 -14.71
N ASP B 145 -6.38 -0.42 -13.72
CA ASP B 145 -6.77 -0.75 -12.37
C ASP B 145 -8.25 -0.50 -12.19
N CYS B 146 -9.05 -1.18 -13.01
CA CYS B 146 -10.50 -1.27 -12.76
C CYS B 146 -11.00 -2.68 -13.00
N ASN B 147 -12.14 -2.98 -12.40
CA ASN B 147 -12.86 -4.16 -12.78
C ASN B 147 -13.20 -4.10 -14.27
N TYR B 148 -13.00 -5.22 -14.95
CA TYR B 148 -13.22 -5.25 -16.38
C TYR B 148 -14.59 -4.75 -16.84
N LYS B 149 -15.62 -4.95 -16.03
CA LYS B 149 -16.93 -4.55 -16.46
C LYS B 149 -17.05 -3.04 -16.66
N LEU B 150 -16.25 -2.26 -15.95
CA LEU B 150 -16.22 -0.80 -16.13
C LEU B 150 -15.68 -0.41 -17.50
N LEU B 151 -14.72 -1.16 -18.00
CA LEU B 151 -14.21 -0.86 -19.32
C LEU B 151 -15.12 -1.43 -20.41
N VAL B 152 -15.79 -2.54 -20.15
CA VAL B 152 -16.92 -2.94 -21.03
C VAL B 152 -17.96 -1.84 -21.17
N ASP B 153 -18.41 -1.29 -20.05
CA ASP B 153 -19.32 -0.15 -20.07
C ASP B 153 -18.78 0.99 -20.96
N ASN B 154 -17.54 1.37 -20.71
CA ASN B 154 -16.91 2.47 -21.42
C ASN B 154 -17.01 2.23 -22.92
N LEU B 155 -16.62 1.04 -23.35
CA LEU B 155 -16.60 0.70 -24.76
C LEU B 155 -17.98 0.60 -25.39
N MET B 156 -18.97 0.13 -24.63
CA MET B 156 -20.33 -0.03 -25.14
C MET B 156 -21.18 1.28 -25.16
N ASP B 157 -20.77 2.30 -24.42
CA ASP B 157 -21.34 3.64 -24.62
C ASP B 157 -20.27 4.57 -25.12
N LEU B 158 -20.11 4.59 -26.43
CA LEU B 158 -18.99 5.25 -27.06
C LEU B 158 -19.29 6.74 -27.21
N GLY B 159 -20.49 7.17 -26.81
CA GLY B 159 -20.79 8.60 -26.62
C GLY B 159 -20.23 9.27 -25.34
N HIS B 160 -19.24 8.65 -24.71
CA HIS B 160 -18.33 9.39 -23.82
C HIS B 160 -17.23 10.10 -24.60
N ALA B 161 -17.00 9.70 -25.85
CA ALA B 161 -15.87 10.26 -26.60
C ALA B 161 -16.06 11.75 -26.89
N GLN B 162 -17.30 12.23 -26.77
CA GLN B 162 -17.59 13.66 -26.89
C GLN B 162 -17.00 14.50 -25.73
N TYR B 163 -16.67 13.84 -24.63
CA TYR B 163 -16.23 14.54 -23.42
C TYR B 163 -14.86 14.03 -23.00
N VAL B 164 -14.80 12.76 -22.65
CA VAL B 164 -13.51 12.10 -22.33
C VAL B 164 -12.49 12.31 -23.44
N HIS B 165 -12.93 12.24 -24.68
CA HIS B 165 -11.98 12.37 -25.79
C HIS B 165 -12.27 13.64 -26.58
N ARG B 166 -12.76 14.69 -25.93
CA ARG B 166 -13.29 15.85 -26.65
C ARG B 166 -12.29 16.48 -27.61
N ALA B 167 -10.99 16.39 -27.30
CA ALA B 167 -9.99 17.05 -28.12
C ALA B 167 -9.85 16.37 -29.49
N ASN B 168 -10.27 15.11 -29.57
CA ASN B 168 -9.97 14.28 -30.73
C ASN B 168 -11.25 13.83 -31.42
N ALA B 169 -12.35 13.82 -30.66
CA ALA B 169 -13.53 13.04 -31.04
C ALA B 169 -14.76 13.90 -31.07
N GLN B 170 -14.61 15.17 -30.73
CA GLN B 170 -15.76 16.07 -30.72
C GLN B 170 -16.39 16.12 -32.11
N THR B 171 -17.71 16.28 -32.12
CA THR B 171 -18.46 16.66 -33.32
C THR B 171 -19.80 17.33 -32.96
N ASP B 172 -20.14 18.40 -33.67
CA ASP B 172 -21.34 19.17 -33.38
C ASP B 172 -22.61 18.34 -33.54
N ALA B 173 -22.59 17.41 -34.49
CA ALA B 173 -23.76 16.60 -34.82
C ALA B 173 -24.25 15.73 -33.65
N PHE B 174 -23.50 15.72 -32.56
CA PHE B 174 -23.93 15.01 -31.36
C PHE B 174 -25.41 15.25 -31.03
N ASP B 175 -25.86 16.49 -31.18
CA ASP B 175 -27.28 16.83 -31.00
C ASP B 175 -28.14 15.72 -31.58
N ARG B 176 -27.68 15.14 -32.68
CA ARG B 176 -28.56 14.49 -33.65
C ARG B 176 -28.06 13.07 -33.90
N LEU B 177 -27.36 12.52 -32.91
CA LEU B 177 -27.14 11.08 -32.81
C LEU B 177 -28.41 10.32 -33.13
N GLU B 178 -28.24 9.22 -33.85
CA GLU B 178 -29.23 8.13 -33.87
C GLU B 178 -28.50 6.82 -33.52
N ARG B 179 -29.00 6.05 -32.55
CA ARG B 179 -28.28 4.84 -32.12
C ARG B 179 -29.13 3.57 -31.98
N GLU B 180 -28.88 2.58 -32.82
CA GLU B 180 -29.70 1.36 -32.88
C GLU B 180 -29.00 0.18 -32.21
N VAL B 181 -29.68 -0.44 -31.26
CA VAL B 181 -29.15 -1.62 -30.57
C VAL B 181 -29.79 -2.86 -31.16
N ILE B 182 -28.96 -3.81 -31.58
CA ILE B 182 -29.48 -5.06 -32.05
C ILE B 182 -28.94 -6.20 -31.20
N VAL B 183 -29.85 -7.03 -30.74
CA VAL B 183 -29.48 -8.05 -29.79
C VAL B 183 -29.53 -9.41 -30.48
N GLY B 184 -28.48 -10.18 -30.28
CA GLY B 184 -28.38 -11.50 -30.83
C GLY B 184 -27.95 -12.44 -29.73
N ASP B 185 -27.50 -13.61 -30.14
CA ASP B 185 -27.33 -14.71 -29.22
C ASP B 185 -25.89 -14.65 -28.71
N GLY B 186 -25.70 -14.19 -27.48
CA GLY B 186 -24.35 -13.94 -26.96
C GLY B 186 -23.65 -12.82 -27.70
N GLU B 187 -24.43 -11.98 -28.36
CA GLU B 187 -23.90 -10.88 -29.16
C GLU B 187 -24.86 -9.70 -29.14
N ILE B 188 -24.32 -8.50 -28.90
CA ILE B 188 -25.12 -7.28 -28.88
C ILE B 188 -24.33 -6.25 -29.68
N GLN B 189 -25.01 -5.53 -30.57
CA GLN B 189 -24.37 -4.40 -31.22
C GLN B 189 -25.10 -3.10 -30.94
N ALA B 190 -24.33 -2.04 -30.71
CA ALA B 190 -24.84 -0.70 -30.85
C ALA B 190 -24.34 -0.11 -32.16
N LEU B 191 -25.28 0.33 -33.00
CA LEU B 191 -24.94 0.95 -34.27
C LEU B 191 -25.16 2.45 -34.18
N MET B 192 -24.77 3.16 -35.24
CA MET B 192 -24.86 4.61 -35.25
C MET B 192 -24.37 5.23 -36.56
N LYS B 193 -25.29 5.93 -37.23
CA LYS B 193 -24.97 6.97 -38.21
C LYS B 193 -24.79 8.31 -37.50
N ILE B 194 -23.83 9.11 -37.96
CA ILE B 194 -23.64 10.46 -37.44
C ILE B 194 -23.63 11.47 -38.58
N PRO B 195 -24.82 11.93 -39.01
CA PRO B 195 -25.10 12.26 -40.39
C PRO B 195 -24.77 13.71 -40.72
N GLY B 196 -24.32 13.95 -41.94
CA GLY B 196 -24.23 15.31 -42.49
C GLY B 196 -23.31 16.22 -41.72
N GLY B 197 -22.55 15.65 -40.78
CA GLY B 197 -21.80 16.44 -39.81
C GLY B 197 -20.43 16.86 -40.31
N THR B 198 -19.80 17.81 -39.61
CA THR B 198 -18.37 18.05 -39.76
C THR B 198 -17.56 16.97 -39.04
N PRO B 199 -16.46 16.53 -39.68
CA PRO B 199 -15.67 15.43 -39.12
C PRO B 199 -14.91 15.84 -37.87
N SER B 200 -14.84 14.95 -36.89
CA SER B 200 -13.94 15.07 -35.76
C SER B 200 -12.48 15.12 -36.22
N VAL B 201 -11.61 15.57 -35.32
CA VAL B 201 -10.19 15.66 -35.62
C VAL B 201 -9.69 14.34 -36.18
N LEU B 202 -10.10 13.22 -35.57
CA LEU B 202 -9.65 11.90 -36.00
C LEU B 202 -10.10 11.58 -37.42
N MET B 203 -11.38 11.77 -37.68
CA MET B 203 -11.99 11.50 -38.98
C MET B 203 -11.25 12.28 -40.08
N ALA B 204 -11.02 13.56 -39.81
CA ALA B 204 -10.26 14.42 -40.72
C ALA B 204 -8.89 13.82 -41.03
N LYS B 205 -8.26 13.23 -40.03
CA LYS B 205 -6.94 12.62 -40.23
C LYS B 205 -7.04 11.38 -41.12
N PHE B 206 -8.22 10.78 -41.19
CA PHE B 206 -8.68 10.24 -42.48
C PHE B 206 -9.89 10.98 -43.01
N PRO B 213 -18.58 18.44 -45.38
CA PRO B 213 -19.63 17.69 -44.71
C PRO B 213 -19.47 16.18 -44.92
N VAL B 214 -19.57 15.42 -43.84
CA VAL B 214 -19.30 14.00 -43.89
C VAL B 214 -20.42 13.22 -43.21
N ASP B 215 -20.60 11.96 -43.62
CA ASP B 215 -21.22 10.94 -42.77
C ASP B 215 -20.20 10.05 -42.08
N ALA B 216 -20.38 9.87 -40.79
CA ALA B 216 -19.53 8.98 -40.03
C ALA B 216 -20.39 7.88 -39.43
N TRP B 217 -19.76 6.76 -39.08
CA TRP B 217 -20.42 5.70 -38.35
C TRP B 217 -19.50 5.22 -37.24
N ASN B 218 -20.09 4.82 -36.11
CA ASN B 218 -19.33 4.26 -35.03
C ASN B 218 -20.07 3.12 -34.33
N ASP B 219 -19.96 1.91 -34.88
CA ASP B 219 -20.71 0.78 -34.38
C ASP B 219 -19.80 -0.03 -33.47
N ILE B 220 -20.38 -0.73 -32.49
CA ILE B 220 -19.60 -1.69 -31.71
C ILE B 220 -20.35 -3.00 -31.47
N ARG B 221 -19.64 -4.10 -31.67
CA ARG B 221 -20.17 -5.46 -31.43
C ARG B 221 -19.50 -6.05 -30.19
N TRP B 222 -20.34 -6.52 -29.28
CA TRP B 222 -19.86 -7.29 -28.13
C TRP B 222 -20.23 -8.75 -28.32
N ASN B 223 -19.27 -9.63 -28.03
CA ASN B 223 -19.54 -11.03 -27.76
C ASN B 223 -19.12 -11.40 -26.34
N LYS B 224 -19.90 -12.27 -25.71
CA LYS B 224 -19.51 -12.78 -24.42
C LYS B 224 -18.12 -13.39 -24.49
N VAL B 225 -17.32 -13.27 -23.43
CA VAL B 225 -17.69 -12.51 -22.23
C VAL B 225 -17.42 -11.00 -22.34
N SER B 226 -16.25 -10.64 -22.85
CA SER B 226 -15.85 -9.24 -22.87
C SER B 226 -14.94 -8.95 -24.05
N ALA B 227 -15.40 -9.38 -25.22
CA ALA B 227 -14.67 -9.21 -26.47
C ALA B 227 -15.47 -8.33 -27.42
N MET B 228 -14.87 -7.19 -27.77
CA MET B 228 -15.56 -6.22 -28.63
C MET B 228 -14.78 -5.85 -29.87
N LEU B 229 -15.54 -5.62 -30.95
CA LEU B 229 -15.00 -5.14 -32.20
C LEU B 229 -15.86 -3.95 -32.60
N ASN B 230 -15.23 -2.78 -32.74
CA ASN B 230 -15.96 -1.61 -33.23
C ASN B 230 -15.73 -1.35 -34.71
N PHE B 231 -16.48 -0.38 -35.25
CA PHE B 231 -16.41 -0.04 -36.65
C PHE B 231 -16.51 1.46 -36.68
N ILE B 232 -15.42 2.11 -37.01
CA ILE B 232 -15.39 3.56 -37.06
C ILE B 232 -15.13 3.96 -38.51
N ALA B 233 -16.03 4.73 -39.10
CA ALA B 233 -16.01 4.95 -40.53
C ALA B 233 -16.47 6.37 -40.88
N VAL B 234 -15.88 6.91 -41.94
CA VAL B 234 -16.33 8.20 -42.47
C VAL B 234 -16.35 8.16 -43.97
N ALA B 235 -17.23 8.97 -44.54
CA ALA B 235 -17.39 9.02 -45.99
C ALA B 235 -18.10 10.34 -46.33
N PRO B 236 -17.90 10.84 -47.54
CA PRO B 236 -18.66 12.02 -47.96
C PRO B 236 -20.14 11.87 -47.59
N GLU B 237 -20.80 12.98 -47.29
CA GLU B 237 -22.25 12.98 -47.15
C GLU B 237 -22.85 12.19 -48.30
N GLY B 238 -23.68 11.20 -47.97
CA GLY B 238 -24.49 10.50 -48.95
C GLY B 238 -23.90 9.18 -49.39
N THR B 239 -22.71 8.87 -48.88
CA THR B 239 -21.97 7.68 -49.31
C THR B 239 -22.45 6.46 -48.53
N PRO B 240 -22.61 5.32 -49.23
CA PRO B 240 -22.93 4.03 -48.62
C PRO B 240 -21.96 3.61 -47.50
N LYS B 241 -22.51 3.36 -46.31
CA LYS B 241 -21.74 2.83 -45.16
C LYS B 241 -20.66 1.83 -45.57
N GLU B 242 -20.89 1.10 -46.65
CA GLU B 242 -20.10 -0.09 -46.97
C GLU B 242 -18.93 0.24 -47.89
N GLN B 243 -18.96 1.44 -48.48
CA GLN B 243 -17.88 1.91 -49.33
C GLN B 243 -17.02 2.93 -48.57
N SER B 244 -17.25 3.04 -47.27
CA SER B 244 -16.50 3.94 -46.41
C SER B 244 -15.10 3.39 -46.18
N ILE B 245 -14.14 4.28 -46.06
CA ILE B 245 -12.90 3.94 -45.37
C ILE B 245 -13.18 3.78 -43.87
N HIS B 246 -12.65 2.73 -43.28
CA HIS B 246 -13.02 2.37 -41.91
C HIS B 246 -11.87 1.72 -41.16
N SER B 247 -11.94 1.78 -39.83
CA SER B 247 -11.13 0.95 -38.95
C SER B 247 -12.05 0.03 -38.15
N ARG B 248 -11.74 -1.27 -38.16
CA ARG B 248 -12.36 -2.20 -37.25
C ARG B 248 -11.47 -2.32 -36.02
N GLY B 249 -11.98 -1.85 -34.89
CA GLY B 249 -11.17 -1.76 -33.67
C GLY B 249 -11.32 -3.00 -32.83
N THR B 250 -10.19 -3.66 -32.56
CA THR B 250 -10.13 -4.70 -31.53
C THR B 250 -10.13 -4.06 -30.15
N HIS B 251 -11.11 -4.42 -29.33
CA HIS B 251 -11.17 -3.92 -27.94
C HIS B 251 -11.59 -5.05 -27.02
N ILE B 252 -10.61 -5.72 -26.45
CA ILE B 252 -10.84 -7.00 -25.81
C ILE B 252 -10.30 -6.89 -24.40
N LEU B 253 -11.12 -7.29 -23.44
CA LEU B 253 -10.77 -7.17 -22.04
C LEU B 253 -10.66 -8.54 -21.43
N THR B 254 -9.72 -8.68 -20.50
CA THR B 254 -9.58 -9.89 -19.68
C THR B 254 -9.36 -9.50 -18.22
N PRO B 255 -10.21 -10.00 -17.32
CA PRO B 255 -9.99 -9.80 -15.90
C PRO B 255 -8.62 -10.27 -15.48
N GLU B 256 -7.97 -9.44 -14.67
CA GLU B 256 -6.75 -9.83 -13.97
C GLU B 256 -7.06 -10.22 -12.52
N THR B 257 -7.50 -9.25 -11.73
CA THR B 257 -8.05 -9.49 -10.40
C THR B 257 -9.46 -8.91 -10.39
N GLU B 258 -10.14 -8.97 -9.26
CA GLU B 258 -11.47 -8.35 -9.14
C GLU B 258 -11.45 -6.89 -9.56
N ALA B 259 -10.34 -6.20 -9.29
CA ALA B 259 -10.29 -4.75 -9.45
C ALA B 259 -9.24 -4.28 -10.47
N SER B 260 -8.80 -5.17 -11.35
CA SER B 260 -7.89 -4.82 -12.42
C SER B 260 -8.11 -5.69 -13.65
N CYS B 261 -7.65 -5.19 -14.80
CA CYS B 261 -7.82 -5.91 -16.05
C CYS B 261 -6.77 -5.59 -17.08
N HIS B 262 -6.75 -6.47 -18.08
CA HIS B 262 -5.90 -6.39 -19.24
C HIS B 262 -6.74 -5.90 -20.42
N TYR B 263 -6.15 -5.00 -21.20
CA TYR B 263 -6.85 -4.38 -22.33
C TYR B 263 -6.00 -4.59 -23.57
N PHE B 264 -6.56 -5.37 -24.49
CA PHE B 264 -5.96 -5.61 -25.80
C PHE B 264 -6.67 -4.78 -26.85
N PHE B 265 -5.95 -3.83 -27.45
CA PHE B 265 -6.56 -2.91 -28.41
C PHE B 265 -5.86 -3.00 -29.75
N GLY B 266 -6.62 -2.66 -30.79
CA GLY B 266 -6.08 -2.67 -32.13
C GLY B 266 -6.98 -1.89 -33.06
N SER B 267 -6.37 -1.41 -34.13
CA SER B 267 -7.08 -0.89 -35.29
C SER B 267 -6.74 -1.71 -36.51
N SER B 268 -7.76 -2.23 -37.18
CA SER B 268 -7.58 -2.89 -38.45
C SER B 268 -8.23 -2.06 -39.56
N ARG B 269 -7.41 -1.43 -40.40
CA ARG B 269 -7.95 -0.43 -41.35
C ARG B 269 -7.86 -0.87 -42.81
N ASN B 270 -8.78 -0.37 -43.63
CA ASN B 270 -8.82 -0.74 -45.04
C ASN B 270 -8.30 0.38 -45.93
N PHE B 271 -7.58 1.31 -45.34
CA PHE B 271 -7.10 2.47 -46.08
C PHE B 271 -5.70 2.89 -45.62
N GLY B 272 -4.98 3.56 -46.52
CA GLY B 272 -3.58 3.91 -46.30
C GLY B 272 -2.76 2.78 -45.72
N ILE B 273 -3.01 1.55 -46.18
CA ILE B 273 -2.56 0.38 -45.45
C ILE B 273 -1.05 0.20 -45.58
N ASP B 274 -0.46 0.94 -46.53
CA ASP B 274 0.98 0.90 -46.78
C ASP B 274 1.65 2.15 -46.22
N ASP B 275 0.93 2.85 -45.36
CA ASP B 275 1.23 4.25 -45.06
C ASP B 275 1.61 4.40 -43.59
N PRO B 276 2.87 4.76 -43.33
CA PRO B 276 3.41 4.74 -41.97
C PRO B 276 2.88 5.91 -41.15
N GLU B 277 2.54 6.99 -41.84
CA GLU B 277 2.00 8.17 -41.17
C GLU B 277 0.63 7.88 -40.57
N MET B 278 -0.13 7.02 -41.23
CA MET B 278 -1.45 6.65 -40.72
C MET B 278 -1.29 5.71 -39.50
N ASP B 279 -0.34 4.80 -39.57
CA ASP B 279 0.05 4.01 -38.41
C ASP B 279 0.23 4.93 -37.20
N GLY B 280 1.01 5.99 -37.38
CA GLY B 280 1.21 6.99 -36.33
C GLY B 280 -0.03 7.68 -35.79
N VAL B 281 -0.94 8.09 -36.67
CA VAL B 281 -2.21 8.68 -36.20
C VAL B 281 -2.97 7.71 -35.29
N LEU B 282 -3.08 6.45 -35.72
CA LEU B 282 -3.82 5.46 -34.96
C LEU B 282 -3.14 5.12 -33.62
N ARG B 283 -1.83 4.97 -33.65
CA ARG B 283 -1.10 4.60 -32.44
C ARG B 283 -1.12 5.76 -31.45
N SER B 284 -1.09 6.99 -31.96
CA SER B 284 -1.20 8.18 -31.12
C SER B 284 -2.57 8.28 -30.45
N TRP B 285 -3.62 8.02 -31.22
CA TRP B 285 -4.98 7.98 -30.64
C TRP B 285 -5.11 6.92 -29.56
N GLN B 286 -4.59 5.72 -29.84
CA GLN B 286 -4.66 4.62 -28.88
C GLN B 286 -3.96 5.01 -27.59
N ALA B 287 -2.79 5.64 -27.73
CA ALA B 287 -1.99 6.05 -26.58
C ALA B 287 -2.73 7.10 -25.74
N GLN B 288 -3.30 8.09 -26.41
CA GLN B 288 -3.93 9.21 -25.73
C GLN B 288 -5.30 8.81 -25.21
N ALA B 289 -6.11 8.22 -26.08
CA ALA B 289 -7.52 7.97 -25.75
C ALA B 289 -7.64 6.80 -24.77
N LEU B 290 -6.99 5.69 -25.07
CA LEU B 290 -7.43 4.43 -24.50
C LEU B 290 -6.64 4.19 -23.22
N VAL B 291 -5.36 4.54 -23.26
CA VAL B 291 -4.39 4.13 -22.24
C VAL B 291 -4.20 5.25 -21.20
N LYS B 292 -4.54 6.46 -21.59
CA LYS B 292 -4.58 7.61 -20.68
C LYS B 292 -6.02 8.00 -20.26
N GLU B 293 -6.75 8.62 -21.18
CA GLU B 293 -8.03 9.26 -20.87
C GLU B 293 -9.09 8.30 -20.31
N ASP B 294 -9.36 7.22 -21.03
CA ASP B 294 -10.32 6.24 -20.54
C ASP B 294 -9.85 5.57 -19.24
N LYS B 295 -8.56 5.22 -19.20
CA LYS B 295 -7.94 4.68 -18.00
C LYS B 295 -8.23 5.55 -16.77
N VAL B 296 -8.07 6.86 -16.92
CA VAL B 296 -8.16 7.77 -15.78
C VAL B 296 -9.57 7.78 -15.24
N VAL B 297 -10.54 7.79 -16.15
CA VAL B 297 -11.93 7.76 -15.74
C VAL B 297 -12.33 6.46 -15.05
N VAL B 298 -12.03 5.30 -15.66
CA VAL B 298 -12.49 4.06 -15.05
C VAL B 298 -11.76 3.71 -13.75
N GLU B 299 -10.49 4.09 -13.66
CA GLU B 299 -9.75 3.87 -12.43
C GLU B 299 -10.31 4.70 -11.29
N ALA B 300 -10.73 5.91 -11.61
CA ALA B 300 -11.41 6.76 -10.63
C ALA B 300 -12.75 6.21 -10.16
N ILE B 301 -13.54 5.68 -11.08
CA ILE B 301 -14.79 5.03 -10.74
C ILE B 301 -14.52 3.82 -9.84
N GLU B 302 -13.53 2.99 -10.17
CA GLU B 302 -13.15 1.84 -9.32
C GLU B 302 -12.89 2.30 -7.88
N ARG B 303 -12.21 3.42 -7.72
CA ARG B 303 -11.89 3.88 -6.37
C ARG B 303 -13.14 4.28 -5.57
N ARG B 304 -14.22 4.56 -6.28
CA ARG B 304 -15.47 4.99 -5.67
C ARG B 304 -16.38 3.81 -5.36
N ARG B 305 -15.95 2.60 -5.72
CA ARG B 305 -16.78 1.42 -5.51
C ARG B 305 -17.18 1.22 -4.05
N ALA B 306 -16.21 1.36 -3.14
CA ALA B 306 -16.45 1.07 -1.75
C ALA B 306 -17.59 1.95 -1.22
N TYR B 307 -17.58 3.23 -1.58
CA TYR B 307 -18.60 4.15 -1.10
C TYR B 307 -19.95 3.78 -1.69
N VAL B 308 -19.97 3.52 -3.00
CA VAL B 308 -21.20 3.19 -3.72
C VAL B 308 -21.86 1.95 -3.12
N GLU B 309 -21.05 0.92 -2.87
CA GLU B 309 -21.60 -0.32 -2.34
C GLU B 309 -22.03 -0.15 -0.89
N ALA B 310 -21.22 0.53 -0.09
CA ALA B 310 -21.56 0.74 1.30
C ALA B 310 -22.87 1.52 1.46
N ASN B 311 -23.20 2.35 0.48
CA ASN B 311 -24.35 3.23 0.61
C ASN B 311 -25.49 2.85 -0.32
N GLY B 312 -25.35 1.70 -0.98
CA GLY B 312 -26.46 1.11 -1.71
C GLY B 312 -26.84 1.96 -2.91
N ILE B 313 -25.85 2.65 -3.48
CA ILE B 313 -26.11 3.56 -4.58
C ILE B 313 -26.17 2.79 -5.91
N ARG B 314 -27.19 3.10 -6.70
CA ARG B 314 -27.38 2.48 -8.00
C ARG B 314 -27.26 3.54 -9.08
N PRO B 315 -26.81 3.13 -10.28
CA PRO B 315 -26.59 4.08 -11.33
C PRO B 315 -27.90 4.59 -11.90
N ALA B 316 -27.87 5.81 -12.42
CA ALA B 316 -29.05 6.40 -13.04
C ALA B 316 -28.82 6.48 -14.55
N MET B 317 -29.60 5.74 -15.33
CA MET B 317 -29.27 5.58 -16.74
C MET B 317 -29.89 6.67 -17.63
N LEU B 318 -29.20 6.93 -18.74
CA LEU B 318 -29.57 7.98 -19.67
C LEU B 318 -29.95 7.30 -20.98
N SER B 319 -30.32 8.10 -21.99
CA SER B 319 -30.75 7.55 -23.26
C SER B 319 -29.63 6.83 -24.03
N CYS B 320 -28.39 7.06 -23.62
CA CYS B 320 -27.24 6.50 -24.34
C CYS B 320 -26.78 5.13 -23.83
N ASP B 321 -27.56 4.52 -22.94
CA ASP B 321 -27.05 3.47 -22.08
C ASP B 321 -27.58 2.06 -22.43
N GLU B 322 -28.47 1.96 -23.41
CA GLU B 322 -29.18 0.69 -23.63
C GLU B 322 -28.23 -0.49 -23.84
N ALA B 323 -27.28 -0.30 -24.75
CA ALA B 323 -26.40 -1.36 -25.16
C ALA B 323 -25.52 -1.79 -23.99
N ALA B 324 -25.00 -0.81 -23.26
CA ALA B 324 -24.13 -1.09 -22.12
C ALA B 324 -24.91 -1.84 -21.07
N VAL B 325 -26.15 -1.42 -20.82
CA VAL B 325 -26.98 -2.09 -19.84
C VAL B 325 -27.32 -3.53 -20.24
N ARG B 326 -27.69 -3.76 -21.50
CA ARG B 326 -27.95 -5.10 -21.95
C ARG B 326 -26.73 -6.00 -21.79
N VAL B 327 -25.56 -5.50 -22.19
CA VAL B 327 -24.31 -6.27 -22.05
C VAL B 327 -24.04 -6.59 -20.57
N SER B 328 -24.14 -5.58 -19.74
CA SER B 328 -23.90 -5.74 -18.32
C SER B 328 -24.83 -6.80 -17.74
N ARG B 329 -26.09 -6.78 -18.14
CA ARG B 329 -27.01 -7.82 -17.67
C ARG B 329 -26.59 -9.20 -18.12
N GLU B 330 -26.04 -9.32 -19.33
CA GLU B 330 -25.66 -10.64 -19.80
C GLU B 330 -24.46 -11.18 -19.04
N ILE B 331 -23.46 -10.32 -18.82
CA ILE B 331 -22.30 -10.71 -18.03
C ILE B 331 -22.70 -11.07 -16.61
N GLU B 332 -23.55 -10.25 -15.98
CA GLU B 332 -23.98 -10.56 -14.62
C GLU B 332 -24.64 -11.92 -14.61
N LYS B 333 -25.41 -12.21 -15.66
CA LYS B 333 -26.14 -13.46 -15.75
C LYS B 333 -25.19 -14.65 -15.86
N LEU B 334 -24.15 -14.51 -16.66
CA LEU B 334 -23.16 -15.56 -16.83
C LEU B 334 -22.42 -15.73 -15.50
N GLU B 335 -22.07 -14.61 -14.85
CA GLU B 335 -21.28 -14.64 -13.63
C GLU B 335 -22.04 -15.34 -12.50
N GLN B 336 -23.34 -15.09 -12.43
CA GLN B 336 -24.17 -15.67 -11.36
C GLN B 336 -24.58 -17.10 -11.70
N LEU B 337 -24.74 -17.39 -12.98
CA LEU B 337 -25.04 -18.72 -13.45
C LEU B 337 -23.92 -19.70 -13.05
N GLU B 338 -22.68 -19.25 -13.16
CA GLU B 338 -21.54 -20.10 -12.83
C GLU B 338 -21.38 -20.27 -11.32
N ALA B 339 -21.49 -19.19 -10.57
CA ALA B 339 -21.26 -19.22 -9.13
C ALA B 339 -22.32 -20.06 -8.43
N ALA B 340 -23.56 -19.99 -8.91
CA ALA B 340 -24.55 -21.01 -8.61
C ALA B 340 -24.34 -22.23 -9.51
N ARG B 341 -23.26 -22.97 -9.24
CA ARG B 341 -23.21 -24.41 -9.52
C ARG B 341 -22.25 -25.12 -8.56
N ALA C 2 -0.18 -14.73 11.43
CA ALA C 2 0.00 -14.64 12.91
C ALA C 2 0.21 -16.02 13.51
N THR C 3 0.79 -16.93 12.72
CA THR C 3 1.34 -18.16 13.30
C THR C 3 2.89 -18.15 13.35
N PHE C 4 3.40 -17.95 14.55
CA PHE C 4 4.84 -18.05 14.81
C PHE C 4 5.05 -19.06 15.93
N VAL C 5 6.29 -19.49 16.09
CA VAL C 5 6.77 -20.15 17.29
C VAL C 5 7.42 -19.15 18.21
N ARG C 6 6.71 -18.73 19.25
CA ARG C 6 7.17 -17.59 20.05
C ARG C 6 8.14 -18.07 21.11
N ASN C 7 7.99 -19.33 21.52
CA ASN C 7 8.80 -19.87 22.61
C ASN C 7 10.15 -20.44 22.16
N ALA C 8 11.05 -19.54 21.80
CA ALA C 8 12.35 -19.91 21.28
C ALA C 8 13.21 -18.65 21.26
N TRP C 9 14.51 -18.84 21.26
CA TRP C 9 15.47 -17.76 21.07
C TRP C 9 15.62 -17.39 19.59
N TYR C 10 15.46 -16.10 19.28
CA TYR C 10 15.76 -15.57 17.96
C TYR C 10 16.81 -14.46 17.99
N VAL C 11 17.60 -14.37 16.93
CA VAL C 11 18.46 -13.22 16.76
C VAL C 11 17.65 -12.00 16.36
N ALA C 12 17.81 -10.91 17.10
CA ALA C 12 17.12 -9.66 16.80
C ALA C 12 18.04 -8.63 16.18
N ALA C 13 19.33 -8.78 16.40
CA ALA C 13 20.31 -7.82 15.90
C ALA C 13 21.71 -8.41 15.98
N LEU C 14 22.62 -7.84 15.18
CA LEU C 14 24.05 -8.03 15.38
C LEU C 14 24.53 -6.95 16.35
N PRO C 15 25.55 -7.28 17.16
CA PRO C 15 25.93 -6.33 18.21
C PRO C 15 26.37 -5.00 17.66
N GLU C 16 27.00 -5.04 16.47
CA GLU C 16 27.47 -3.83 15.82
C GLU C 16 26.36 -2.90 15.33
N GLU C 17 25.11 -3.38 15.30
CA GLU C 17 23.96 -2.54 15.00
C GLU C 17 23.48 -1.68 16.17
N LEU C 18 23.88 -2.05 17.38
CA LEU C 18 23.32 -1.46 18.57
C LEU C 18 24.27 -0.45 19.21
N SER C 19 23.69 0.59 19.79
CA SER C 19 24.44 1.66 20.45
C SER C 19 23.50 2.35 21.41
N GLU C 20 23.90 3.51 21.92
CA GLU C 20 23.01 4.23 22.81
C GLU C 20 21.85 4.88 22.05
N LYS C 21 21.94 4.89 20.72
CA LYS C 21 20.80 5.31 19.90
C LYS C 21 19.96 4.09 19.59
N PRO C 22 18.73 4.06 20.08
CA PRO C 22 17.91 2.86 19.90
C PRO C 22 17.63 2.50 18.44
N LEU C 23 17.54 1.20 18.22
CA LEU C 23 17.12 0.60 16.99
C LEU C 23 15.72 0.04 17.16
N GLY C 24 14.82 0.46 16.28
CA GLY C 24 13.48 -0.12 16.24
C GLY C 24 13.44 -1.23 15.20
N ARG C 25 13.06 -2.42 15.63
CA ARG C 25 12.96 -3.58 14.76
C ARG C 25 11.84 -4.47 15.26
N THR C 26 11.09 -5.02 14.33
CA THR C 26 9.96 -5.87 14.66
C THR C 26 10.38 -7.31 14.43
N ILE C 27 10.14 -8.15 15.43
CA ILE C 27 10.28 -9.60 15.27
C ILE C 27 8.99 -10.31 15.68
N LEU C 28 8.56 -11.28 14.88
CA LEU C 28 7.31 -11.98 15.19
C LEU C 28 6.18 -10.99 15.50
N ASP C 29 6.04 -9.99 14.61
CA ASP C 29 5.01 -9.00 14.73
C ASP C 29 5.02 -8.26 16.07
N THR C 30 6.19 -8.16 16.66
CA THR C 30 6.36 -7.50 17.97
C THR C 30 7.43 -6.44 17.82
N PRO C 31 7.06 -5.17 18.00
CA PRO C 31 8.02 -4.11 17.82
C PRO C 31 8.90 -3.93 19.02
N LEU C 32 10.21 -3.98 18.78
CA LEU C 32 11.23 -3.86 19.81
C LEU C 32 12.02 -2.56 19.72
N ALA C 33 12.47 -2.07 20.87
CA ALA C 33 13.46 -1.01 20.95
C ALA C 33 14.69 -1.61 21.56
N LEU C 34 15.77 -1.61 20.80
CA LEU C 34 16.99 -2.34 21.14
C LEU C 34 18.10 -1.32 21.31
N TYR C 35 18.74 -1.31 22.47
CA TYR C 35 19.81 -0.34 22.70
C TYR C 35 20.80 -0.88 23.71
N ARG C 36 21.97 -0.24 23.74
CA ARG C 36 23.00 -0.49 24.74
C ARG C 36 22.97 0.58 25.79
N GLN C 37 22.95 0.13 27.04
CA GLN C 37 23.07 1.06 28.16
C GLN C 37 24.52 1.52 28.30
N PRO C 38 24.76 2.58 29.08
CA PRO C 38 26.12 3.08 29.23
C PRO C 38 27.10 2.04 29.75
N ASP C 39 26.61 1.07 30.51
CA ASP C 39 27.49 0.01 31.00
C ASP C 39 27.74 -1.07 29.95
N GLY C 40 27.18 -0.87 28.75
CA GLY C 40 27.44 -1.78 27.62
C GLY C 40 26.31 -2.77 27.40
N VAL C 41 25.49 -2.97 28.42
CA VAL C 41 24.52 -4.05 28.43
C VAL C 41 23.30 -3.71 27.60
N VAL C 42 22.91 -4.65 26.74
CA VAL C 42 21.83 -4.44 25.80
C VAL C 42 20.49 -4.66 26.48
N ALA C 43 19.55 -3.78 26.19
CA ALA C 43 18.20 -3.90 26.68
C ALA C 43 17.27 -4.01 25.46
N ALA C 44 16.16 -4.70 25.64
CA ALA C 44 15.17 -4.89 24.60
C ALA C 44 13.80 -4.67 25.19
N LEU C 45 13.20 -3.53 24.89
CA LEU C 45 11.90 -3.17 25.39
C LEU C 45 10.87 -3.25 24.27
N LEU C 46 9.63 -3.50 24.66
CA LEU C 46 8.51 -3.36 23.75
C LEU C 46 8.48 -1.90 23.28
N ASP C 47 8.42 -1.71 21.97
CA ASP C 47 8.55 -0.37 21.39
C ASP C 47 7.22 0.39 21.38
N ILE C 48 6.56 0.40 22.53
CA ILE C 48 5.22 0.95 22.73
C ILE C 48 5.17 1.52 24.16
N CYS C 49 5.22 2.84 24.27
CA CYS C 49 5.18 3.44 25.58
C CYS C 49 3.87 3.11 26.30
N PRO C 50 3.93 2.78 27.59
CA PRO C 50 2.72 2.43 28.33
C PRO C 50 1.72 3.56 28.48
N HIS C 51 2.20 4.81 28.34
CA HIS C 51 1.33 5.97 28.51
C HIS C 51 0.39 6.09 27.30
N ARG C 52 0.94 6.47 26.16
CA ARG C 52 0.15 6.61 24.97
C ARG C 52 0.74 5.96 23.72
N PHE C 53 1.65 5.01 23.91
CA PHE C 53 2.01 4.03 22.87
C PHE C 53 2.99 4.58 21.86
N ALA C 54 3.65 5.69 22.18
CA ALA C 54 4.71 6.22 21.34
C ALA C 54 5.88 5.25 21.21
N PRO C 55 6.61 5.36 20.11
CA PRO C 55 7.82 4.56 19.87
C PRO C 55 8.97 5.00 20.77
N LEU C 56 9.26 4.22 21.80
CA LEU C 56 10.43 4.49 22.63
C LEU C 56 11.72 4.49 21.82
N SER C 57 11.72 3.76 20.70
CA SER C 57 12.90 3.71 19.85
C SER C 57 13.24 5.04 19.16
N ASP C 58 12.32 6.00 19.21
CA ASP C 58 12.57 7.34 18.68
C ASP C 58 13.10 8.26 19.78
N GLY C 59 13.32 7.71 20.97
CA GLY C 59 13.84 8.47 22.11
C GLY C 59 15.36 8.42 22.23
N ILE C 60 15.86 9.11 23.24
CA ILE C 60 17.26 9.19 23.54
C ILE C 60 17.43 8.74 24.99
N LEU C 61 18.65 8.34 25.34
CA LEU C 61 18.96 8.10 26.74
C LEU C 61 19.10 9.37 27.57
N VAL C 62 18.55 9.32 28.79
CA VAL C 62 18.81 10.29 29.87
C VAL C 62 19.34 9.56 31.11
N ASN C 63 20.54 9.92 31.57
N ASN C 63 20.57 9.86 31.49
CA ASN C 63 21.30 9.11 32.53
CA ASN C 63 21.23 9.14 32.55
C ASN C 63 21.09 7.62 32.34
C ASN C 63 21.13 7.63 32.34
N GLY C 64 21.31 7.17 31.11
CA GLY C 64 21.41 5.75 30.83
C GLY C 64 20.06 5.12 30.71
N HIS C 65 19.03 5.97 30.83
CA HIS C 65 17.66 5.48 30.79
C HIS C 65 16.94 6.00 29.54
N LEU C 66 16.25 5.11 28.86
CA LEU C 66 15.56 5.51 27.62
C LEU C 66 14.35 6.39 27.97
N GLN C 67 14.27 7.56 27.34
CA GLN C 67 13.20 8.52 27.56
C GLN C 67 12.22 8.48 26.41
N CYS C 68 10.96 8.26 26.72
CA CYS C 68 9.93 8.33 25.68
C CYS C 68 9.96 9.71 25.03
N PRO C 69 9.93 9.75 23.69
CA PRO C 69 9.99 11.04 22.98
C PRO C 69 8.69 11.88 23.07
N TYR C 70 7.61 11.31 23.61
CA TYR C 70 6.33 12.02 23.62
C TYR C 70 6.10 12.87 24.88
N HIS C 71 6.08 12.24 26.06
CA HIS C 71 5.94 12.98 27.32
C HIS C 71 6.99 12.64 28.37
N GLY C 72 8.09 12.01 27.96
CA GLY C 72 9.28 12.04 28.79
C GLY C 72 9.35 11.03 29.92
N LEU C 73 8.45 10.04 29.96
CA LEU C 73 8.67 8.89 30.86
C LEU C 73 10.03 8.24 30.57
N GLU C 74 10.74 7.84 31.62
CA GLU C 74 12.06 7.26 31.46
C GLU C 74 12.04 5.83 32.01
N PHE C 75 12.75 4.93 31.33
CA PHE C 75 12.70 3.51 31.61
C PHE C 75 14.08 2.96 31.85
N ASP C 76 14.18 2.00 32.76
CA ASP C 76 15.43 1.25 32.84
C ASP C 76 15.43 0.04 31.92
N GLY C 77 16.53 -0.69 31.91
CA GLY C 77 16.69 -1.79 30.95
C GLY C 77 15.81 -2.98 31.26
N GLY C 78 15.29 -3.03 32.47
CA GLY C 78 14.26 -3.98 32.87
C GLY C 78 12.83 -3.56 32.56
N GLY C 79 12.67 -2.37 31.97
CA GLY C 79 11.36 -1.88 31.61
C GLY C 79 10.66 -1.11 32.70
N GLN C 80 11.30 -0.99 33.86
CA GLN C 80 10.73 -0.23 34.95
C GLN C 80 10.75 1.24 34.63
N CYS C 81 9.63 1.90 34.86
CA CYS C 81 9.61 3.35 34.81
C CYS C 81 10.36 3.94 35.98
N VAL C 82 11.42 4.68 35.67
CA VAL C 82 12.26 5.27 36.68
C VAL C 82 12.14 6.78 36.81
N HIS C 83 11.38 7.43 35.94
CA HIS C 83 11.08 8.86 36.15
C HIS C 83 9.80 9.21 35.42
N ASN C 84 8.91 9.88 36.15
CA ASN C 84 7.70 10.48 35.61
C ASN C 84 7.74 11.98 35.85
N PRO C 85 7.92 12.77 34.77
CA PRO C 85 8.05 14.22 34.91
C PRO C 85 6.81 14.93 35.45
N HIS C 86 5.68 14.23 35.49
CA HIS C 86 4.39 14.90 35.59
C HIS C 86 3.75 14.85 36.97
N GLY C 87 3.34 16.02 37.45
CA GLY C 87 2.53 16.10 38.66
C GLY C 87 3.36 15.64 39.85
N ASN C 88 2.81 14.73 40.65
CA ASN C 88 3.53 14.24 41.82
C ASN C 88 4.67 13.29 41.47
N GLY C 89 4.82 12.97 40.19
CA GLY C 89 5.92 12.14 39.74
C GLY C 89 5.81 10.67 40.14
N ALA C 90 4.63 10.26 40.57
CA ALA C 90 4.43 8.89 41.00
C ALA C 90 4.68 7.90 39.86
N ARG C 91 5.20 6.73 40.21
CA ARG C 91 5.51 5.67 39.25
C ARG C 91 4.84 4.36 39.62
N PRO C 92 3.52 4.30 39.47
CA PRO C 92 2.84 3.03 39.68
C PRO C 92 3.24 1.97 38.64
N ALA C 93 3.02 0.70 38.98
CA ALA C 93 3.55 -0.42 38.21
C ALA C 93 2.97 -0.41 36.81
N SER C 94 1.83 0.24 36.67
CA SER C 94 1.17 0.43 35.37
C SER C 94 1.99 1.21 34.34
N LEU C 95 3.02 1.92 34.79
CA LEU C 95 3.87 2.70 33.88
C LEU C 95 5.07 1.90 33.36
N ASN C 96 5.21 0.66 33.84
CA ASN C 96 6.32 -0.15 33.40
C ASN C 96 6.03 -0.68 32.00
N VAL C 97 7.09 -0.82 31.21
CA VAL C 97 7.01 -1.37 29.84
C VAL C 97 7.61 -2.79 29.80
N ARG C 98 7.05 -3.62 28.93
CA ARG C 98 7.55 -4.96 28.76
C ARG C 98 9.01 -4.96 28.38
N SER C 99 9.79 -5.77 29.07
CA SER C 99 11.19 -6.02 28.70
C SER C 99 11.41 -7.47 28.34
N PHE C 100 12.14 -7.71 27.25
CA PHE C 100 12.29 -9.06 26.73
C PHE C 100 13.58 -9.70 27.22
N PRO C 101 13.53 -11.01 27.52
CA PRO C 101 14.78 -11.68 27.80
C PRO C 101 15.72 -11.49 26.63
N VAL C 102 16.92 -11.05 26.96
CA VAL C 102 17.91 -10.72 25.95
C VAL C 102 19.26 -11.24 26.44
N VAL C 103 19.98 -11.91 25.55
CA VAL C 103 21.33 -12.36 25.81
C VAL C 103 22.26 -11.99 24.66
N GLU C 104 23.35 -11.29 24.97
CA GLU C 104 24.41 -11.09 24.01
C GLU C 104 25.41 -12.23 24.14
N ARG C 105 25.53 -13.03 23.09
CA ARG C 105 26.37 -14.23 23.14
C ARG C 105 26.81 -14.55 21.71
N ASP C 106 28.07 -14.95 21.56
CA ASP C 106 28.60 -15.37 20.25
C ASP C 106 28.41 -14.26 19.21
N ALA C 107 28.57 -13.01 19.65
CA ALA C 107 28.45 -11.86 18.77
C ALA C 107 27.09 -11.83 18.07
N LEU C 108 26.05 -12.21 18.83
CA LEU C 108 24.66 -12.14 18.39
C LEU C 108 23.83 -11.61 19.54
N ILE C 109 22.77 -10.89 19.19
CA ILE C 109 21.77 -10.46 20.18
C ILE C 109 20.54 -11.34 20.09
N TRP C 110 20.38 -12.21 21.09
CA TRP C 110 19.33 -13.21 21.14
C TRP C 110 18.20 -12.67 22.00
N ILE C 111 16.98 -12.84 21.54
CA ILE C 111 15.80 -12.39 22.25
C ILE C 111 14.76 -13.52 22.33
N TRP C 112 14.04 -13.55 23.42
CA TRP C 112 12.94 -14.50 23.59
C TRP C 112 11.60 -13.80 23.53
N PRO C 113 10.87 -13.97 22.44
CA PRO C 113 9.64 -13.18 22.23
C PRO C 113 8.42 -13.78 22.87
N GLY C 114 8.56 -14.99 23.41
CA GLY C 114 7.39 -15.74 23.85
C GLY C 114 7.21 -15.68 25.35
N ASP C 115 6.72 -16.79 25.91
CA ASP C 115 6.45 -16.87 27.36
C ASP C 115 7.74 -16.76 28.13
N PRO C 116 7.93 -15.66 28.87
CA PRO C 116 9.24 -15.39 29.44
C PRO C 116 9.62 -16.35 30.56
N ALA C 117 8.65 -17.03 31.15
CA ALA C 117 8.92 -18.06 32.14
C ALA C 117 9.79 -19.20 31.59
N LEU C 118 9.74 -19.37 30.27
CA LEU C 118 10.29 -20.55 29.62
C LEU C 118 11.64 -20.25 28.98
N ALA C 119 12.07 -18.99 29.03
CA ALA C 119 13.30 -18.56 28.39
C ALA C 119 14.49 -19.06 29.21
N ASP C 120 15.18 -20.07 28.69
CA ASP C 120 16.36 -20.64 29.38
C ASP C 120 17.60 -20.32 28.56
N PRO C 121 18.46 -19.46 29.09
CA PRO C 121 19.60 -19.05 28.28
C PRO C 121 20.51 -20.20 27.89
N GLY C 122 20.44 -21.30 28.65
CA GLY C 122 21.27 -22.45 28.33
C GLY C 122 20.85 -23.11 27.03
N ALA C 123 19.66 -22.77 26.55
CA ALA C 123 19.11 -23.37 25.33
C ALA C 123 19.50 -22.59 24.08
N ILE C 124 20.18 -21.47 24.26
CA ILE C 124 20.62 -20.66 23.13
C ILE C 124 21.58 -21.49 22.27
N PRO C 125 21.33 -21.54 20.95
CA PRO C 125 22.21 -22.31 20.07
C PRO C 125 23.70 -21.90 20.16
N ASP C 126 24.59 -22.88 20.01
CA ASP C 126 26.03 -22.67 20.13
C ASP C 126 26.65 -22.16 18.82
N PHE C 127 26.95 -20.87 18.78
CA PHE C 127 27.68 -20.26 17.66
C PHE C 127 29.06 -19.77 18.12
N GLY C 128 29.71 -20.56 18.96
CA GLY C 128 30.92 -20.12 19.65
C GLY C 128 32.06 -19.72 18.72
N CYS C 129 32.08 -20.30 17.52
CA CYS C 129 33.13 -19.95 16.55
C CYS C 129 33.19 -18.46 16.28
N ARG C 130 32.07 -17.78 16.45
CA ARG C 130 31.95 -16.37 16.11
C ARG C 130 32.78 -15.49 17.04
N VAL C 131 33.17 -16.04 18.19
CA VAL C 131 33.97 -15.28 19.16
C VAL C 131 35.24 -16.04 19.52
N ASP C 132 35.50 -17.12 18.78
CA ASP C 132 36.74 -17.90 18.92
C ASP C 132 37.88 -17.21 18.16
N PRO C 133 38.93 -16.82 18.87
CA PRO C 133 40.00 -16.07 18.20
C PRO C 133 40.71 -16.88 17.11
N ALA C 134 40.48 -18.18 17.06
CA ALA C 134 41.07 -19.01 16.01
C ALA C 134 40.38 -18.80 14.66
N TYR C 135 39.26 -18.08 14.68
CA TYR C 135 38.46 -17.84 13.46
C TYR C 135 38.37 -16.34 13.20
N ARG C 136 38.41 -15.98 11.93
CA ARG C 136 38.04 -14.64 11.51
C ARG C 136 36.55 -14.59 11.18
N THR C 137 35.80 -13.73 11.86
CA THR C 137 34.35 -13.67 11.69
C THR C 137 33.88 -12.30 11.16
N VAL C 138 33.14 -12.35 10.05
CA VAL C 138 32.55 -11.17 9.43
C VAL C 138 31.16 -11.55 9.00
N GLY C 139 30.35 -10.56 8.64
CA GLY C 139 29.00 -10.86 8.17
C GLY C 139 28.18 -9.62 8.01
N GLY C 140 26.85 -9.80 8.11
CA GLY C 140 25.92 -8.73 7.85
C GLY C 140 24.45 -9.12 8.02
N TYR C 141 23.61 -8.23 7.52
CA TYR C 141 22.16 -8.26 7.74
C TYR C 141 21.48 -8.02 6.39
N GLY C 142 20.40 -8.74 6.14
CA GLY C 142 19.50 -8.35 5.07
C GLY C 142 18.04 -8.61 5.42
N HIS C 143 17.16 -8.00 4.64
CA HIS C 143 15.71 -8.11 4.85
C HIS C 143 15.14 -8.74 3.56
N VAL C 144 14.14 -9.61 3.70
CA VAL C 144 13.49 -10.24 2.57
C VAL C 144 12.00 -10.25 2.75
N ASP C 145 11.28 -9.94 1.67
CA ASP C 145 9.82 -9.97 1.71
C ASP C 145 9.27 -11.36 1.43
N CYS C 146 9.69 -12.32 2.22
CA CYS C 146 9.08 -13.62 2.21
C CYS C 146 8.98 -14.17 3.59
N ASN C 147 8.11 -15.16 3.76
CA ASN C 147 8.09 -15.98 4.97
C ASN C 147 9.45 -16.64 5.24
N TYR C 148 9.91 -16.57 6.47
CA TYR C 148 11.21 -17.13 6.82
C TYR C 148 11.36 -18.60 6.46
N LYS C 149 10.26 -19.34 6.47
CA LYS C 149 10.35 -20.77 6.18
C LYS C 149 10.92 -21.05 4.81
N LEU C 150 10.70 -20.13 3.86
CA LEU C 150 11.20 -20.31 2.51
C LEU C 150 12.71 -20.24 2.51
N LEU C 151 13.27 -19.37 3.35
CA LEU C 151 14.72 -19.27 3.39
C LEU C 151 15.38 -20.41 4.18
N VAL C 152 14.68 -20.90 5.20
CA VAL C 152 15.10 -22.12 5.89
C VAL C 152 15.13 -23.29 4.90
N ASP C 153 14.07 -23.45 4.12
CA ASP C 153 14.04 -24.51 3.10
C ASP C 153 15.25 -24.43 2.16
N ASN C 154 15.55 -23.23 1.69
CA ASN C 154 16.67 -22.99 0.77
C ASN C 154 18.02 -23.33 1.39
N LEU C 155 18.21 -22.92 2.64
CA LEU C 155 19.43 -23.25 3.38
C LEU C 155 19.62 -24.74 3.61
N MET C 156 18.53 -25.43 3.90
CA MET C 156 18.57 -26.83 4.29
C MET C 156 18.62 -27.71 3.06
N ASP C 157 18.38 -27.10 1.90
CA ASP C 157 18.69 -27.74 0.61
C ASP C 157 20.12 -27.38 0.17
N GLU C 178 28.78 -39.35 0.45
CA GLU C 178 28.29 -39.83 1.73
C GLU C 178 27.41 -38.79 2.41
N ARG C 179 26.12 -38.81 2.06
CA ARG C 179 25.10 -38.00 2.73
C ARG C 179 24.66 -38.68 4.02
N GLU C 180 24.33 -37.87 5.03
CA GLU C 180 23.50 -38.33 6.15
C GLU C 180 22.66 -37.18 6.70
N VAL C 181 21.45 -37.50 7.14
CA VAL C 181 20.65 -36.55 7.90
C VAL C 181 20.39 -37.08 9.29
N ILE C 182 20.82 -36.31 10.30
CA ILE C 182 20.68 -36.72 11.69
C ILE C 182 19.66 -35.86 12.41
N VAL C 183 18.60 -36.49 12.91
CA VAL C 183 17.45 -35.79 13.42
C VAL C 183 17.34 -35.94 14.93
N GLY C 184 17.39 -34.82 15.64
CA GLY C 184 17.22 -34.80 17.10
C GLY C 184 16.15 -33.83 17.54
N ASP C 185 16.14 -33.50 18.82
CA ASP C 185 15.07 -32.70 19.40
C ASP C 185 15.42 -31.22 19.31
N GLY C 186 14.82 -30.55 18.33
CA GLY C 186 15.13 -29.15 18.06
C GLY C 186 16.51 -28.94 17.46
N GLU C 187 17.14 -30.02 17.00
CA GLU C 187 18.37 -29.92 16.22
C GLU C 187 18.34 -30.97 15.10
N ILE C 188 18.78 -30.57 13.92
CA ILE C 188 18.90 -31.49 12.79
C ILE C 188 20.20 -31.21 12.06
N GLN C 189 20.94 -32.25 11.70
CA GLN C 189 22.18 -32.05 10.96
C GLN C 189 22.10 -32.76 9.63
N ALA C 190 22.51 -32.05 8.58
CA ALA C 190 22.65 -32.65 7.25
C ALA C 190 24.12 -32.63 6.89
N LEU C 191 24.73 -33.81 6.86
CA LEU C 191 26.17 -33.93 6.54
C LEU C 191 26.40 -34.47 5.12
N MET C 192 27.40 -33.92 4.46
CA MET C 192 27.86 -34.42 3.17
C MET C 192 29.39 -34.38 3.10
N LYS C 193 29.99 -35.51 2.76
CA LYS C 193 31.41 -35.55 2.46
C LYS C 193 31.61 -35.98 1.02
N ILE C 194 32.54 -35.32 0.33
CA ILE C 194 32.92 -35.71 -1.02
C ILE C 194 34.40 -36.07 -1.08
N PRO C 195 34.72 -37.38 -0.95
CA PRO C 195 36.09 -37.82 -1.25
C PRO C 195 36.44 -37.52 -2.69
N GLY C 196 37.72 -37.25 -2.96
CA GLY C 196 38.15 -36.80 -4.28
C GLY C 196 37.26 -35.69 -4.79
N GLY C 197 36.80 -34.85 -3.86
CA GLY C 197 35.99 -33.70 -4.21
C GLY C 197 36.86 -32.54 -4.70
N THR C 198 36.27 -31.35 -4.65
CA THR C 198 36.79 -30.20 -5.39
C THR C 198 36.75 -28.99 -4.48
N PRO C 199 37.90 -28.35 -4.24
CA PRO C 199 37.92 -27.11 -3.46
C PRO C 199 36.96 -26.08 -4.05
N SER C 200 36.13 -25.47 -3.20
CA SER C 200 35.48 -24.22 -3.57
C SER C 200 36.50 -23.25 -4.15
N VAL C 201 36.03 -22.31 -4.97
CA VAL C 201 36.87 -21.28 -5.55
C VAL C 201 37.56 -20.49 -4.44
N LEU C 202 36.82 -20.20 -3.38
CA LEU C 202 37.33 -19.41 -2.26
C LEU C 202 38.53 -20.08 -1.58
N MET C 203 38.47 -21.39 -1.41
CA MET C 203 39.46 -22.10 -0.57
C MET C 203 40.60 -22.68 -1.41
N ALA C 204 40.37 -22.83 -2.71
CA ALA C 204 41.26 -23.61 -3.57
C ALA C 204 42.73 -23.27 -3.29
N LYS C 205 43.02 -22.00 -3.05
CA LYS C 205 44.39 -21.52 -3.12
C LYS C 205 45.20 -21.81 -1.85
N PHE C 206 44.52 -22.30 -0.81
CA PHE C 206 45.16 -22.49 0.48
C PHE C 206 45.67 -23.92 0.62
N LEU C 207 45.42 -24.71 -0.42
CA LEU C 207 45.87 -26.10 -0.47
C LEU C 207 47.34 -26.18 -0.87
N PRO C 213 44.54 -33.58 -4.15
CA PRO C 213 44.14 -34.86 -3.59
C PRO C 213 43.27 -34.73 -2.32
N VAL C 214 42.06 -34.23 -2.46
CA VAL C 214 41.34 -33.64 -1.34
C VAL C 214 40.06 -34.40 -1.00
N ASP C 215 39.67 -34.34 0.28
CA ASP C 215 38.27 -34.51 0.67
C ASP C 215 37.62 -33.13 0.89
N ALA C 216 36.34 -33.02 0.56
CA ALA C 216 35.55 -31.82 0.88
C ALA C 216 34.34 -32.17 1.72
N TRP C 217 33.90 -31.23 2.55
CA TRP C 217 32.71 -31.39 3.37
C TRP C 217 31.75 -30.21 3.17
N ASN C 218 30.46 -30.49 3.15
N ASN C 218 30.46 -30.50 3.22
CA ASN C 218 29.44 -29.44 3.26
CA ASN C 218 29.43 -29.46 3.23
C ASN C 218 28.32 -29.92 4.16
C ASN C 218 28.27 -29.87 4.14
N ASP C 219 28.35 -29.44 5.40
CA ASP C 219 27.41 -29.87 6.42
C ASP C 219 26.59 -28.65 6.79
N ILE C 220 25.39 -28.88 7.28
CA ILE C 220 24.67 -27.81 7.92
C ILE C 220 23.88 -28.33 9.12
N ARG C 221 23.88 -27.50 10.16
CA ARG C 221 23.16 -27.78 11.39
C ARG C 221 22.07 -26.74 11.56
N TRP C 222 20.85 -27.23 11.78
CA TRP C 222 19.69 -26.43 12.15
C TRP C 222 19.38 -26.60 13.62
N ASN C 223 19.14 -25.49 14.31
CA ASN C 223 18.46 -25.50 15.59
C ASN C 223 17.12 -24.74 15.52
N LYS C 224 16.12 -25.19 16.28
CA LYS C 224 14.84 -24.51 16.26
C LYS C 224 15.05 -23.05 16.67
N VAL C 225 14.29 -22.14 16.09
CA VAL C 225 13.33 -22.42 15.03
C VAL C 225 13.96 -22.27 13.64
N SER C 226 14.97 -21.40 13.51
CA SER C 226 15.45 -20.99 12.22
C SER C 226 16.89 -20.48 12.29
N ALA C 227 17.69 -21.14 13.10
CA ALA C 227 19.11 -20.77 13.28
C ALA C 227 20.00 -21.88 12.72
N MET C 228 20.85 -21.57 11.74
CA MET C 228 21.67 -22.59 11.09
C MET C 228 23.15 -22.20 11.09
N LEU C 229 24.00 -23.23 11.16
CA LEU C 229 25.45 -23.07 11.08
C LEU C 229 25.95 -24.12 10.13
N ASN C 230 26.61 -23.69 9.06
CA ASN C 230 27.16 -24.66 8.12
C ASN C 230 28.65 -24.83 8.31
N PHE C 231 29.20 -25.80 7.59
CA PHE C 231 30.59 -26.19 7.65
C PHE C 231 30.97 -26.55 6.22
N ILE C 232 31.86 -25.75 5.66
CA ILE C 232 32.28 -25.88 4.28
C ILE C 232 33.80 -25.98 4.34
N ALA C 233 34.36 -27.08 3.85
CA ALA C 233 35.71 -27.46 4.23
C ALA C 233 36.37 -28.26 3.13
N VAL C 234 37.70 -28.18 3.09
CA VAL C 234 38.51 -28.99 2.20
C VAL C 234 39.84 -29.32 2.89
N ALA C 235 40.34 -30.54 2.64
CA ALA C 235 41.66 -30.92 3.13
C ALA C 235 42.26 -32.00 2.21
N PRO C 236 43.58 -32.23 2.33
CA PRO C 236 44.15 -33.49 1.87
C PRO C 236 43.37 -34.69 2.40
N GLU C 237 43.18 -35.69 1.55
CA GLU C 237 42.52 -36.92 1.95
C GLU C 237 43.18 -37.51 3.20
N GLY C 238 42.36 -37.99 4.13
CA GLY C 238 42.85 -38.47 5.41
C GLY C 238 42.53 -37.52 6.54
N THR C 239 42.67 -36.22 6.27
CA THR C 239 42.76 -35.21 7.32
C THR C 239 41.48 -35.15 8.15
N PRO C 240 41.62 -35.16 9.48
CA PRO C 240 40.51 -34.81 10.36
C PRO C 240 39.79 -33.54 9.90
N LYS C 241 38.49 -33.64 9.66
CA LYS C 241 37.76 -32.51 9.12
C LYS C 241 37.94 -31.32 10.08
N GLU C 242 38.31 -31.63 11.32
CA GLU C 242 38.52 -30.60 12.34
C GLU C 242 39.79 -29.78 12.09
N GLN C 243 40.75 -30.38 11.38
CA GLN C 243 41.98 -29.69 10.96
C GLN C 243 41.96 -29.26 9.48
N SER C 244 40.78 -29.24 8.87
CA SER C 244 40.64 -28.84 7.47
C SER C 244 40.76 -27.33 7.30
N ILE C 245 40.97 -26.88 6.08
CA ILE C 245 40.63 -25.50 5.71
C ILE C 245 39.13 -25.38 5.68
N HIS C 246 38.59 -24.44 6.44
CA HIS C 246 37.14 -24.38 6.56
C HIS C 246 36.55 -23.06 7.01
N SER C 247 35.27 -22.90 6.69
CA SER C 247 34.45 -21.80 7.15
C SER C 247 33.25 -22.42 7.90
N ARG C 248 32.83 -21.79 8.99
CA ARG C 248 31.55 -22.11 9.59
C ARG C 248 30.65 -20.92 9.34
N GLY C 249 29.56 -21.15 8.62
CA GLY C 249 28.73 -20.06 8.13
C GLY C 249 27.51 -19.85 9.03
N THR C 250 27.35 -18.63 9.53
CA THR C 250 26.14 -18.25 10.26
C THR C 250 25.02 -17.90 9.30
N HIS C 251 23.88 -18.57 9.46
CA HIS C 251 22.73 -18.32 8.63
C HIS C 251 21.47 -18.39 9.49
N ILE C 252 21.06 -17.24 10.01
CA ILE C 252 20.02 -17.19 11.02
C ILE C 252 18.88 -16.30 10.54
N LEU C 253 17.67 -16.86 10.47
CA LEU C 253 16.49 -16.14 10.06
C LEU C 253 15.64 -15.78 11.28
N THR C 254 15.04 -14.60 11.25
CA THR C 254 14.05 -14.23 12.26
C THR C 254 12.84 -13.59 11.57
N PRO C 255 11.66 -14.21 11.75
CA PRO C 255 10.44 -13.62 11.16
C PRO C 255 10.22 -12.20 11.62
N GLU C 256 9.85 -11.34 10.67
CA GLU C 256 9.42 -10.00 11.00
C GLU C 256 7.89 -9.94 11.03
N THR C 257 7.27 -10.13 9.88
CA THR C 257 5.85 -10.39 9.78
C THR C 257 5.65 -11.81 9.24
N GLU C 258 4.39 -12.20 9.04
CA GLU C 258 4.09 -13.47 8.40
C GLU C 258 4.78 -13.58 7.05
N ALA C 259 4.92 -12.46 6.36
CA ALA C 259 5.38 -12.48 4.97
C ALA C 259 6.72 -11.80 4.76
N SER C 260 7.48 -11.59 5.82
CA SER C 260 8.79 -10.95 5.70
C SER C 260 9.73 -11.42 6.80
N CYS C 261 11.01 -11.30 6.57
CA CYS C 261 11.99 -11.76 7.52
C CYS C 261 13.29 -11.00 7.49
N HIS C 262 14.00 -11.15 8.62
CA HIS C 262 15.37 -10.71 8.81
C HIS C 262 16.30 -11.88 8.62
N TYR C 263 17.46 -11.61 8.01
CA TYR C 263 18.45 -12.65 7.74
C TYR C 263 19.81 -12.14 8.20
N PHE C 264 20.33 -12.78 9.24
CA PHE C 264 21.64 -12.50 9.78
C PHE C 264 22.62 -13.54 9.22
N PHE C 265 23.65 -13.07 8.56
CA PHE C 265 24.57 -14.00 7.93
C PHE C 265 25.97 -13.69 8.35
N GLY C 266 26.84 -14.67 8.23
CA GLY C 266 28.23 -14.43 8.48
C GLY C 266 29.06 -15.67 8.27
N SER C 267 30.36 -15.53 8.44
CA SER C 267 31.26 -16.65 8.34
C SER C 267 32.40 -16.52 9.32
N SER C 268 32.79 -17.67 9.86
CA SER C 268 33.94 -17.79 10.71
C SER C 268 34.95 -18.74 10.05
N ARG C 269 36.06 -18.18 9.62
CA ARG C 269 36.97 -18.92 8.75
C ARG C 269 38.35 -19.01 9.37
N ASN C 270 39.04 -20.10 9.03
CA ASN C 270 40.39 -20.30 9.53
C ASN C 270 41.46 -20.08 8.46
N PHE C 271 41.06 -19.51 7.33
CA PHE C 271 41.98 -19.20 6.24
C PHE C 271 41.91 -17.73 5.85
N GLY C 272 43.01 -17.21 5.33
CA GLY C 272 43.07 -15.80 4.92
C GLY C 272 42.55 -14.85 5.98
N ILE C 273 42.91 -15.11 7.24
CA ILE C 273 42.25 -14.43 8.35
C ILE C 273 42.59 -12.94 8.39
N ASP C 274 43.69 -12.54 7.77
CA ASP C 274 44.10 -11.13 7.75
C ASP C 274 43.84 -10.46 6.41
N ASP C 275 43.05 -11.11 5.56
CA ASP C 275 42.82 -10.62 4.21
C ASP C 275 41.53 -9.82 4.15
N PRO C 276 41.65 -8.48 4.07
CA PRO C 276 40.47 -7.62 4.08
C PRO C 276 39.63 -7.69 2.81
N GLU C 277 40.22 -8.13 1.70
CA GLU C 277 39.45 -8.31 0.48
C GLU C 277 38.54 -9.51 0.63
N MET C 278 39.06 -10.55 1.27
CA MET C 278 38.25 -11.70 1.60
C MET C 278 37.14 -11.27 2.58
N ASP C 279 37.46 -10.42 3.55
CA ASP C 279 36.43 -9.90 4.46
C ASP C 279 35.32 -9.28 3.63
N GLY C 280 35.70 -8.55 2.58
CA GLY C 280 34.74 -7.79 1.79
C GLY C 280 33.72 -8.69 1.13
N VAL C 281 34.21 -9.71 0.41
CA VAL C 281 33.30 -10.58 -0.33
C VAL C 281 32.44 -11.39 0.65
N LEU C 282 33.01 -11.74 1.80
CA LEU C 282 32.26 -12.47 2.83
C LEU C 282 31.26 -11.62 3.62
N ARG C 283 31.33 -10.30 3.45
CA ARG C 283 30.34 -9.37 3.99
C ARG C 283 29.23 -9.03 2.98
N SER C 284 29.32 -9.57 1.77
CA SER C 284 28.34 -9.27 0.75
C SER C 284 27.09 -10.11 0.87
N TRP C 285 25.96 -9.43 1.00
CA TRP C 285 24.65 -10.08 1.04
C TRP C 285 24.42 -11.01 -0.15
N GLN C 286 24.69 -10.54 -1.36
CA GLN C 286 24.44 -11.38 -2.52
C GLN C 286 25.42 -12.52 -2.68
N ALA C 287 26.66 -12.33 -2.22
CA ALA C 287 27.67 -13.36 -2.35
C ALA C 287 27.49 -14.46 -1.31
N GLN C 288 26.93 -14.11 -0.15
CA GLN C 288 27.00 -14.98 1.02
C GLN C 288 25.63 -15.50 1.47
N ALA C 289 24.59 -14.76 1.20
CA ALA C 289 23.28 -15.07 1.76
C ALA C 289 22.25 -15.30 0.66
N LEU C 290 22.07 -14.32 -0.21
CA LEU C 290 20.97 -14.42 -1.17
C LEU C 290 21.27 -13.62 -2.43
N VAL C 291 21.59 -14.33 -3.52
CA VAL C 291 21.81 -13.62 -4.78
C VAL C 291 20.49 -13.06 -5.32
N LYS C 292 20.56 -11.96 -6.08
CA LYS C 292 19.35 -11.23 -6.42
C LYS C 292 18.34 -12.17 -7.09
N GLU C 293 18.84 -13.07 -7.93
CA GLU C 293 17.94 -13.89 -8.71
C GLU C 293 17.13 -14.82 -7.78
N ASP C 294 17.75 -15.27 -6.69
CA ASP C 294 17.06 -16.11 -5.71
C ASP C 294 16.10 -15.30 -4.84
N LYS C 295 16.45 -14.05 -4.56
CA LYS C 295 15.53 -13.18 -3.83
C LYS C 295 14.27 -12.95 -4.63
N VAL C 296 14.45 -12.74 -5.94
CA VAL C 296 13.31 -12.56 -6.84
C VAL C 296 12.42 -13.79 -6.79
N VAL C 297 13.02 -14.97 -6.85
CA VAL C 297 12.27 -16.22 -6.75
C VAL C 297 11.50 -16.34 -5.44
N VAL C 298 12.16 -16.15 -4.29
CA VAL C 298 11.44 -16.39 -3.04
C VAL C 298 10.38 -15.34 -2.75
N GLU C 299 10.62 -14.11 -3.19
CA GLU C 299 9.61 -13.10 -3.01
C GLU C 299 8.42 -13.38 -3.92
N ALA C 300 8.70 -13.96 -5.09
CA ALA C 300 7.62 -14.38 -5.98
C ALA C 300 6.83 -15.55 -5.42
N ILE C 301 7.51 -16.51 -4.78
CA ILE C 301 6.82 -17.60 -4.11
C ILE C 301 5.86 -17.05 -3.05
N GLU C 302 6.32 -16.08 -2.27
CA GLU C 302 5.46 -15.48 -1.27
C GLU C 302 4.17 -14.90 -1.89
N ARG C 303 4.29 -14.27 -3.05
CA ARG C 303 3.13 -13.73 -3.73
C ARG C 303 2.16 -14.80 -4.29
N ARG C 304 2.62 -16.04 -4.40
CA ARG C 304 1.77 -17.13 -4.82
C ARG C 304 1.09 -17.85 -3.67
N ARG C 305 1.38 -17.44 -2.43
CA ARG C 305 0.79 -18.08 -1.28
C ARG C 305 -0.73 -18.11 -1.33
N ALA C 306 -1.36 -16.97 -1.63
CA ALA C 306 -2.81 -16.87 -1.63
C ALA C 306 -3.42 -17.90 -2.58
N TYR C 307 -2.89 -17.97 -3.79
CA TYR C 307 -3.40 -18.91 -4.77
C TYR C 307 -3.22 -20.33 -4.27
N VAL C 308 -2.03 -20.63 -3.77
CA VAL C 308 -1.73 -21.99 -3.34
C VAL C 308 -2.71 -22.44 -2.22
N GLU C 309 -2.96 -21.56 -1.26
CA GLU C 309 -3.85 -21.86 -0.15
C GLU C 309 -5.31 -22.00 -0.60
N ALA C 310 -5.74 -21.11 -1.49
CA ALA C 310 -7.11 -21.11 -1.98
C ALA C 310 -7.42 -22.38 -2.75
N ASN C 311 -6.39 -22.95 -3.38
CA ASN C 311 -6.61 -24.09 -4.26
C ASN C 311 -6.13 -25.42 -3.67
N GLY C 312 -5.82 -25.40 -2.39
CA GLY C 312 -5.39 -26.59 -1.67
C GLY C 312 -4.16 -27.26 -2.26
N ILE C 313 -3.26 -26.46 -2.81
CA ILE C 313 -2.04 -26.97 -3.44
C ILE C 313 -0.95 -27.19 -2.38
N ARG C 314 -0.32 -28.37 -2.43
CA ARG C 314 0.75 -28.73 -1.52
C ARG C 314 2.02 -28.97 -2.34
N PRO C 315 3.19 -28.68 -1.76
CA PRO C 315 4.43 -28.88 -2.51
C PRO C 315 4.72 -30.35 -2.77
N ALA C 316 5.39 -30.62 -3.89
CA ALA C 316 5.82 -31.97 -4.24
C ALA C 316 7.31 -32.13 -3.95
N MET C 317 7.68 -33.04 -3.07
CA MET C 317 9.05 -33.03 -2.61
C MET C 317 9.92 -33.87 -3.56
N LEU C 318 11.20 -33.51 -3.62
CA LEU C 318 12.20 -34.24 -4.39
C LEU C 318 13.18 -34.86 -3.40
N SER C 319 14.09 -35.68 -3.91
CA SER C 319 15.16 -36.27 -3.10
C SER C 319 16.01 -35.24 -2.32
N CYS C 320 16.22 -34.05 -2.87
CA CYS C 320 17.03 -33.03 -2.20
C CYS C 320 16.33 -32.38 -0.99
N ASP C 321 15.09 -32.77 -0.74
CA ASP C 321 14.27 -32.05 0.23
C ASP C 321 14.31 -32.70 1.61
N GLU C 322 15.04 -33.80 1.76
CA GLU C 322 14.88 -34.67 2.94
C GLU C 322 15.07 -33.89 4.24
N ALA C 323 16.17 -33.16 4.34
CA ALA C 323 16.43 -32.39 5.56
C ALA C 323 15.41 -31.26 5.73
N ALA C 324 15.09 -30.55 4.64
CA ALA C 324 14.19 -29.43 4.74
C ALA C 324 12.84 -29.93 5.25
N VAL C 325 12.41 -31.09 4.79
CA VAL C 325 11.12 -31.64 5.21
C VAL C 325 11.09 -31.97 6.69
N ARG C 326 12.16 -32.60 7.17
CA ARG C 326 12.32 -32.91 8.57
C ARG C 326 12.25 -31.65 9.42
N VAL C 327 12.98 -30.62 9.00
CA VAL C 327 12.92 -29.32 9.68
C VAL C 327 11.53 -28.71 9.67
N SER C 328 10.91 -28.71 8.50
CA SER C 328 9.59 -28.18 8.33
C SER C 328 8.62 -28.85 9.29
N ARG C 329 8.73 -30.17 9.41
CA ARG C 329 7.81 -30.90 10.25
C ARG C 329 8.03 -30.57 11.71
N GLU C 330 9.28 -30.36 12.12
N GLU C 330 9.28 -30.36 12.10
CA GLU C 330 9.55 -30.01 13.51
CA GLU C 330 9.61 -30.01 13.50
C GLU C 330 8.98 -28.62 13.83
C GLU C 330 9.02 -28.63 13.82
N ILE C 331 9.13 -27.68 12.89
CA ILE C 331 8.55 -26.34 13.11
C ILE C 331 7.04 -26.41 13.27
N GLU C 332 6.41 -27.25 12.45
CA GLU C 332 4.96 -27.32 12.45
C GLU C 332 4.48 -27.90 13.77
N LYS C 333 5.19 -28.89 14.29
CA LYS C 333 4.90 -29.43 15.62
C LYS C 333 5.01 -28.36 16.69
N LEU C 334 6.03 -27.51 16.58
CA LEU C 334 6.22 -26.47 17.59
C LEU C 334 5.08 -25.46 17.51
N GLU C 335 4.64 -25.15 16.29
CA GLU C 335 3.51 -24.26 16.12
C GLU C 335 2.31 -24.88 16.78
N GLN C 336 2.11 -26.19 16.57
CA GLN C 336 0.90 -26.85 17.04
C GLN C 336 0.85 -26.88 18.56
N LEU C 337 1.97 -27.21 19.20
CA LEU C 337 2.11 -27.02 20.65
C LEU C 337 1.52 -25.68 21.08
N GLU C 338 1.96 -24.60 20.46
CA GLU C 338 1.62 -23.26 20.95
C GLU C 338 0.15 -22.94 20.72
N ALA C 339 -0.43 -23.43 19.63
CA ALA C 339 -1.89 -23.53 19.54
C ALA C 339 -2.47 -24.30 20.73
N ALA C 340 -2.60 -23.63 21.87
CA ALA C 340 -3.88 -23.52 22.58
C ALA C 340 -3.81 -22.37 23.61
#